data_2YBS
#
_entry.id   2YBS
#
_cell.length_a   100.924
_cell.length_b   149.354
_cell.length_c   57.271
_cell.angle_alpha   90.00
_cell.angle_beta   90.00
_cell.angle_gamma   90.00
#
_symmetry.space_group_name_H-M   'P 21 21 2'
#
loop_
_entity.id
_entity.type
_entity.pdbx_description
1 polymer 'LYSINE-SPECIFIC DEMETHYLASE 4A'
2 polymer 'HISTONE H3.1T'
3 non-polymer 'NICKEL (II) ION'
4 non-polymer 'ZINC ION'
5 non-polymer GLYCEROL
6 non-polymer '(2S)-2-HYDROXYPENTANEDIOIC ACID'
7 water water
#
loop_
_entity_poly.entity_id
_entity_poly.type
_entity_poly.pdbx_seq_one_letter_code
_entity_poly.pdbx_strand_id
1 'polypeptide(L)'
;MHHHHHHSSGVDLGTENLYFQSMASESETLNPSARIMTFYPTMEEFRNFSRYIAYIESQGAHRAGLAKVVPPKEWKPRAS
YDDIDDLVIPAPIQQLVTGQSGLFTQYNIQKKAMTVREFRKIANSDKYCTPRYSEFEELERKYWKNLTFNPPIYGADVNG
TLYEKHVDEWNIGRLRTILDLVEKESGITIEGVNTPYLYFGMWKTSFAWHTEDMDLYSINYLHFGEPKSWYSVPPEHGKR
LERLAKGFFPGSAQSCEAFLRHKMTLISPLMLKKYGIPFDKVTQEAGEFMITFPYGYHAGFNHGFNCAESTNFATRRWIE
YGKQAVLCSCRKDMVKISMDVFVRKFQPERYKLWKAGKDNTVIDHTLPTPEAAEFLKESEL
;
A,B
2 'polypeptide(L)' PATGGV(M3L)KPHRY C,D
#
loop_
_chem_comp.id
_chem_comp.type
_chem_comp.name
_chem_comp.formula
GOL non-polymer GLYCEROL 'C3 H8 O3'
NI non-polymer 'NICKEL (II) ION' 'Ni 2'
S2G non-polymer '(2S)-2-HYDROXYPENTANEDIOIC ACID' 'C5 H8 O5'
ZN non-polymer 'ZINC ION' 'Zn 2'
#
# COMPACT_ATOMS: atom_id res chain seq x y z
N LEU A 30 16.71 8.77 0.59
CA LEU A 30 15.99 7.92 1.59
C LEU A 30 14.63 7.48 1.06
N ASN A 31 13.86 8.47 0.59
CA ASN A 31 12.55 8.22 0.01
C ASN A 31 12.44 9.15 -1.19
N PRO A 32 13.24 8.87 -2.24
CA PRO A 32 13.29 9.64 -3.50
C PRO A 32 11.91 9.88 -4.09
N SER A 33 11.04 8.89 -3.95
CA SER A 33 9.68 8.98 -4.45
C SER A 33 8.88 9.98 -3.61
N ALA A 34 9.39 10.29 -2.42
CA ALA A 34 8.72 11.22 -1.52
C ALA A 34 7.32 10.70 -1.22
N ARG A 35 7.13 9.39 -1.37
CA ARG A 35 5.84 8.75 -1.13
C ARG A 35 5.53 8.65 0.37
N ILE A 36 4.24 8.62 0.70
CA ILE A 36 3.82 8.52 2.09
C ILE A 36 4.28 7.19 2.68
N MET A 37 4.99 7.24 3.79
CA MET A 37 5.50 6.03 4.42
C MET A 37 4.74 5.63 5.68
N THR A 38 4.79 4.34 5.99
CA THR A 38 4.11 3.80 7.16
C THR A 38 5.15 3.07 8.00
N PHE A 39 5.06 3.24 9.32
CA PHE A 39 6.01 2.60 10.22
C PHE A 39 5.34 1.75 11.28
N TYR A 40 6.03 0.72 11.73
CA TYR A 40 5.52 -0.18 12.76
C TYR A 40 6.51 -0.32 13.90
N PRO A 41 6.56 0.68 14.81
CA PRO A 41 7.48 0.66 15.95
C PRO A 41 7.10 -0.39 16.99
N THR A 42 8.08 -0.80 17.78
CA THR A 42 7.87 -1.77 18.84
C THR A 42 7.54 -0.94 20.07
N MET A 43 7.17 -1.59 21.16
CA MET A 43 6.84 -0.87 22.38
C MET A 43 8.07 -0.15 22.87
N GLU A 44 9.24 -0.73 22.64
CA GLU A 44 10.50 -0.14 23.06
C GLU A 44 10.82 1.12 22.26
N GLU A 45 10.35 1.17 21.02
CA GLU A 45 10.59 2.33 20.16
C GLU A 45 9.49 3.36 20.34
N PHE A 46 8.31 2.90 20.73
CA PHE A 46 7.15 3.75 20.90
C PHE A 46 7.21 4.63 22.16
N ARG A 47 8.08 4.28 23.10
CA ARG A 47 8.19 5.03 24.35
C ARG A 47 8.78 6.43 24.22
N ASN A 48 9.86 6.58 23.48
CA ASN A 48 10.44 7.91 23.30
C ASN A 48 9.84 8.51 22.02
N PHE A 49 8.94 9.48 22.20
CA PHE A 49 8.26 10.12 21.07
C PHE A 49 9.19 10.89 20.13
N SER A 50 9.80 11.96 20.63
CA SER A 50 10.67 12.79 19.81
C SER A 50 11.79 11.99 19.17
N ARG A 51 12.24 10.93 19.84
CA ARG A 51 13.29 10.09 19.28
C ARG A 51 12.77 9.30 18.06
N TYR A 52 11.58 8.74 18.17
CA TYR A 52 11.02 7.99 17.04
C TYR A 52 10.76 8.92 15.84
N ILE A 53 10.29 10.13 16.12
CA ILE A 53 10.07 11.08 15.05
C ILE A 53 11.42 11.29 14.35
N ALA A 54 12.48 11.47 15.13
CA ALA A 54 13.80 11.66 14.55
C ALA A 54 14.18 10.43 13.71
N TYR A 55 13.78 9.25 14.16
CA TYR A 55 14.08 8.03 13.44
C TYR A 55 13.40 7.98 12.06
N ILE A 56 12.08 8.15 12.05
CA ILE A 56 11.35 8.11 10.80
C ILE A 56 11.83 9.22 9.86
N GLU A 57 12.29 10.34 10.42
CA GLU A 57 12.79 11.41 9.58
C GLU A 57 14.12 10.99 8.95
N SER A 58 14.88 10.15 9.66
CA SER A 58 16.17 9.68 9.15
C SER A 58 15.93 8.63 8.08
N GLN A 59 14.65 8.26 7.90
CA GLN A 59 14.24 7.29 6.90
C GLN A 59 13.52 8.02 5.76
N GLY A 60 13.49 9.34 5.82
CA GLY A 60 12.87 10.14 4.77
C GLY A 60 11.38 10.33 4.88
N ALA A 61 10.80 9.99 6.02
CA ALA A 61 9.36 10.13 6.20
C ALA A 61 8.85 11.54 5.98
N HIS A 62 9.60 12.52 6.45
CA HIS A 62 9.16 13.90 6.30
C HIS A 62 9.02 14.42 4.86
N ARG A 63 9.69 13.75 3.92
CA ARG A 63 9.66 14.17 2.52
C ARG A 63 8.30 14.24 1.92
N ALA A 64 7.45 13.26 2.21
CA ALA A 64 6.10 13.24 1.69
C ALA A 64 5.24 14.31 2.36
N GLY A 65 5.69 14.82 3.50
CA GLY A 65 4.94 15.82 4.26
C GLY A 65 3.90 15.19 5.18
N LEU A 66 3.79 13.87 5.11
CA LEU A 66 2.82 13.14 5.89
C LEU A 66 3.27 11.70 6.02
N ALA A 67 3.07 11.11 7.19
CA ALA A 67 3.45 9.74 7.44
C ALA A 67 2.49 9.05 8.40
N LYS A 68 2.38 7.72 8.28
CA LYS A 68 1.51 6.96 9.15
C LYS A 68 2.37 6.13 10.09
N VAL A 69 1.91 6.01 11.33
CA VAL A 69 2.59 5.24 12.35
C VAL A 69 1.61 4.31 13.06
N VAL A 70 1.77 3.01 12.83
CA VAL A 70 0.91 2.00 13.45
C VAL A 70 1.51 1.62 14.80
N PRO A 71 0.81 1.93 15.89
CA PRO A 71 1.29 1.59 17.23
C PRO A 71 1.27 0.10 17.52
N PRO A 72 2.15 -0.36 18.41
CA PRO A 72 2.21 -1.79 18.75
C PRO A 72 0.85 -2.29 19.23
N LYS A 73 0.54 -3.55 18.92
CA LYS A 73 -0.72 -4.17 19.29
C LYS A 73 -1.07 -4.05 20.79
N GLU A 74 -0.05 -4.10 21.64
CA GLU A 74 -0.24 -4.02 23.09
C GLU A 74 -0.68 -2.63 23.57
N TRP A 75 -0.42 -1.61 22.76
CA TRP A 75 -0.77 -0.25 23.13
C TRP A 75 -2.23 0.14 22.94
N LYS A 76 -2.79 0.80 23.96
CA LYS A 76 -4.16 1.29 23.94
C LYS A 76 -4.18 2.58 24.75
N PRO A 77 -4.68 3.66 24.15
CA PRO A 77 -4.73 4.95 24.84
C PRO A 77 -5.86 5.03 25.87
N ARG A 78 -6.92 4.27 25.62
CA ARG A 78 -8.08 4.26 26.49
C ARG A 78 -8.58 2.82 26.59
N ALA A 79 -9.26 2.50 27.69
CA ALA A 79 -9.78 1.14 27.89
C ALA A 79 -11.03 0.89 27.04
N SER A 80 -11.94 1.86 27.02
CA SER A 80 -13.17 1.73 26.25
C SER A 80 -13.70 3.11 25.92
N TYR A 81 -14.38 3.22 24.78
CA TYR A 81 -14.94 4.50 24.34
C TYR A 81 -16.45 4.51 24.41
N ASP A 82 -17.01 3.91 25.46
CA ASP A 82 -18.46 3.87 25.61
C ASP A 82 -18.94 4.85 26.67
N ASP A 83 -18.00 5.40 27.45
CA ASP A 83 -18.34 6.34 28.50
C ASP A 83 -18.24 7.80 28.08
N ILE A 84 -18.55 8.11 26.83
CA ILE A 84 -18.46 9.50 26.35
C ILE A 84 -19.71 10.04 25.68
N ASP A 85 -20.78 9.25 25.65
CA ASP A 85 -22.03 9.68 25.02
C ASP A 85 -22.58 11.02 25.51
N ASP A 86 -22.17 11.45 26.70
CA ASP A 86 -22.65 12.73 27.23
C ASP A 86 -21.66 13.87 26.99
N LEU A 87 -20.55 13.56 26.32
CA LEU A 87 -19.54 14.57 26.01
C LEU A 87 -20.19 15.64 25.14
N VAL A 88 -19.96 16.90 25.48
CA VAL A 88 -20.56 17.99 24.74
C VAL A 88 -19.69 18.57 23.65
N ILE A 89 -20.27 18.72 22.45
CA ILE A 89 -19.63 19.33 21.29
C ILE A 89 -20.27 20.73 21.22
N PRO A 90 -19.67 21.70 21.92
CA PRO A 90 -20.17 23.07 21.98
C PRO A 90 -20.43 23.80 20.68
N ALA A 91 -19.54 23.68 19.70
CA ALA A 91 -19.73 24.42 18.46
C ALA A 91 -19.67 23.60 17.18
N PRO A 92 -20.69 22.78 16.93
CA PRO A 92 -20.71 21.96 15.71
C PRO A 92 -20.83 22.88 14.50
N ILE A 93 -20.29 22.46 13.36
CA ILE A 93 -20.37 23.27 12.14
C ILE A 93 -20.90 22.49 10.94
N GLN A 94 -21.84 23.11 10.24
CA GLN A 94 -22.40 22.51 9.05
C GLN A 94 -21.49 23.00 7.96
N GLN A 95 -20.92 22.08 7.19
CA GLN A 95 -20.00 22.44 6.12
C GLN A 95 -20.63 22.66 4.74
N LEU A 96 -20.87 23.93 4.43
CA LEU A 96 -21.43 24.33 3.15
C LEU A 96 -20.27 24.50 2.16
N VAL A 97 -20.44 24.04 0.93
CA VAL A 97 -19.37 24.12 -0.05
C VAL A 97 -19.87 24.57 -1.40
N THR A 98 -19.20 25.56 -1.98
CA THR A 98 -19.58 26.08 -3.27
C THR A 98 -18.39 26.00 -4.16
N GLY A 99 -18.57 25.51 -5.38
CA GLY A 99 -17.46 25.39 -6.31
C GLY A 99 -17.78 24.59 -7.55
N GLN A 100 -16.79 24.41 -8.41
CA GLN A 100 -16.96 23.66 -9.65
C GLN A 100 -15.58 23.31 -10.22
N SER A 101 -15.52 22.26 -11.04
CA SER A 101 -14.27 21.84 -11.68
C SER A 101 -13.12 21.59 -10.73
N GLY A 102 -13.40 20.95 -9.60
CA GLY A 102 -12.36 20.63 -8.63
C GLY A 102 -11.89 21.75 -7.70
N LEU A 103 -12.46 22.94 -7.82
CA LEU A 103 -12.07 24.05 -6.96
C LEU A 103 -13.25 24.47 -6.09
N PHE A 104 -13.07 24.44 -4.78
CA PHE A 104 -14.18 24.79 -3.88
C PHE A 104 -13.80 25.67 -2.71
N THR A 105 -14.80 26.27 -2.09
CA THR A 105 -14.60 27.13 -0.94
C THR A 105 -15.59 26.63 0.09
N GLN A 106 -15.11 26.44 1.31
CA GLN A 106 -15.95 25.92 2.36
C GLN A 106 -16.31 26.98 3.41
N TYR A 107 -17.60 27.06 3.74
CA TYR A 107 -18.10 28.00 4.74
C TYR A 107 -18.64 27.19 5.92
N ASN A 108 -17.98 27.30 7.07
CA ASN A 108 -18.39 26.56 8.25
C ASN A 108 -19.44 27.31 9.06
N ILE A 109 -20.67 26.80 9.04
CA ILE A 109 -21.79 27.41 9.75
C ILE A 109 -21.98 26.77 11.12
N GLN A 110 -21.81 27.56 12.18
CA GLN A 110 -21.95 27.07 13.55
C GLN A 110 -23.39 26.74 13.89
N LYS A 111 -23.60 25.56 14.48
CA LYS A 111 -24.93 25.10 14.88
C LYS A 111 -24.98 24.96 16.41
N LYS A 112 -26.18 24.79 16.95
CA LYS A 112 -26.33 24.65 18.39
C LYS A 112 -25.56 23.46 18.96
N ALA A 113 -25.05 23.62 20.16
CA ALA A 113 -24.31 22.55 20.83
C ALA A 113 -25.09 21.24 20.87
N MET A 114 -24.36 20.13 21.05
CA MET A 114 -24.96 18.82 21.13
C MET A 114 -23.97 17.85 21.73
N THR A 115 -24.49 16.74 22.25
CA THR A 115 -23.65 15.71 22.84
C THR A 115 -23.20 14.75 21.75
N VAL A 116 -22.20 13.93 22.06
CA VAL A 116 -21.69 12.97 21.09
C VAL A 116 -22.81 12.03 20.72
N ARG A 117 -23.65 11.72 21.71
CA ARG A 117 -24.78 10.84 21.51
C ARG A 117 -25.66 11.35 20.37
N GLU A 118 -26.08 12.60 20.49
CA GLU A 118 -26.94 13.20 19.47
C GLU A 118 -26.24 13.30 18.13
N PHE A 119 -24.93 13.52 18.15
CA PHE A 119 -24.14 13.64 16.93
C PHE A 119 -24.06 12.27 16.25
N ARG A 120 -23.82 11.23 17.07
CA ARG A 120 -23.74 9.86 16.57
C ARG A 120 -25.01 9.45 15.84
N LYS A 121 -26.15 9.80 16.42
CA LYS A 121 -27.44 9.46 15.80
C LYS A 121 -27.61 10.10 14.43
N ILE A 122 -27.23 11.36 14.32
CA ILE A 122 -27.36 12.07 13.05
C ILE A 122 -26.32 11.54 12.06
N ALA A 123 -25.11 11.32 12.57
CA ALA A 123 -24.02 10.79 11.75
C ALA A 123 -24.40 9.46 11.10
N ASN A 124 -25.01 8.57 11.88
CA ASN A 124 -25.41 7.26 11.34
C ASN A 124 -26.77 7.26 10.64
N SER A 125 -27.50 8.38 10.72
CA SER A 125 -28.82 8.49 10.10
C SER A 125 -28.70 8.24 8.60
N ASP A 126 -29.79 7.80 7.99
CA ASP A 126 -29.81 7.49 6.57
C ASP A 126 -29.45 8.66 5.66
N LYS A 127 -29.68 9.88 6.10
CA LYS A 127 -29.37 11.01 5.25
C LYS A 127 -27.90 11.42 5.26
N TYR A 128 -27.20 11.10 6.36
CA TYR A 128 -25.79 11.46 6.44
C TYR A 128 -24.85 10.26 6.52
N CYS A 129 -25.40 9.04 6.45
CA CYS A 129 -24.57 7.84 6.57
C CYS A 129 -23.74 7.61 5.32
N THR A 130 -22.63 6.88 5.49
CA THR A 130 -21.73 6.57 4.40
C THR A 130 -22.47 5.85 3.27
N PRO A 131 -22.24 6.24 2.01
CA PRO A 131 -22.91 5.60 0.88
C PRO A 131 -22.35 4.17 0.72
N ARG A 132 -23.02 3.35 -0.07
CA ARG A 132 -22.56 1.99 -0.26
C ARG A 132 -21.44 2.03 -1.29
N TYR A 133 -20.41 1.20 -1.11
CA TYR A 133 -19.29 1.18 -2.04
C TYR A 133 -18.50 -0.11 -1.92
N SER A 134 -17.59 -0.33 -2.87
CA SER A 134 -16.77 -1.54 -2.89
C SER A 134 -15.33 -1.20 -2.56
N GLU A 135 -14.74 -0.31 -3.35
CA GLU A 135 -13.36 0.11 -3.15
C GLU A 135 -13.27 1.59 -2.77
N PHE A 136 -12.13 1.97 -2.19
CA PHE A 136 -11.91 3.36 -1.79
C PHE A 136 -12.06 4.30 -2.97
N GLU A 137 -11.47 3.95 -4.10
CA GLU A 137 -11.51 4.78 -5.29
C GLU A 137 -12.93 5.20 -5.59
N GLU A 138 -13.89 4.33 -5.30
CA GLU A 138 -15.29 4.63 -5.56
C GLU A 138 -15.81 5.66 -4.57
N LEU A 139 -15.53 5.44 -3.30
CA LEU A 139 -16.00 6.36 -2.28
C LEU A 139 -15.34 7.74 -2.52
N GLU A 140 -14.08 7.71 -2.94
CA GLU A 140 -13.36 8.93 -3.23
C GLU A 140 -14.05 9.68 -4.35
N ARG A 141 -14.50 8.94 -5.36
CA ARG A 141 -15.20 9.55 -6.47
C ARG A 141 -16.51 10.16 -6.00
N LYS A 142 -17.21 9.46 -5.11
CA LYS A 142 -18.48 9.96 -4.62
C LYS A 142 -18.31 11.20 -3.76
N TYR A 143 -17.19 11.26 -3.03
CA TYR A 143 -16.89 12.41 -2.21
C TYR A 143 -16.77 13.65 -3.08
N TRP A 144 -15.88 13.58 -4.07
CA TRP A 144 -15.64 14.71 -4.96
C TRP A 144 -16.81 15.05 -5.84
N LYS A 145 -17.72 14.09 -5.99
CA LYS A 145 -18.92 14.26 -6.78
C LYS A 145 -20.07 14.94 -6.00
N ASN A 146 -20.20 14.62 -4.71
CA ASN A 146 -21.30 15.19 -3.92
C ASN A 146 -20.87 16.14 -2.79
N LEU A 147 -19.61 16.55 -2.77
CA LEU A 147 -19.16 17.39 -1.67
C LEU A 147 -19.89 18.73 -1.49
N THR A 148 -20.55 19.21 -2.54
CA THR A 148 -21.31 20.45 -2.44
C THR A 148 -22.79 20.19 -2.16
N PHE A 149 -23.17 18.92 -2.01
CA PHE A 149 -24.56 18.53 -1.75
C PHE A 149 -24.73 18.07 -0.32
N ASN A 150 -25.96 18.11 0.18
CA ASN A 150 -26.30 17.69 1.53
C ASN A 150 -25.20 18.01 2.54
N PRO A 151 -25.06 19.29 2.89
CA PRO A 151 -24.03 19.73 3.86
C PRO A 151 -24.02 18.96 5.18
N PRO A 152 -22.89 18.32 5.50
CA PRO A 152 -22.71 17.53 6.72
C PRO A 152 -22.34 18.36 7.93
N ILE A 153 -22.41 17.75 9.10
CA ILE A 153 -22.07 18.44 10.32
C ILE A 153 -20.77 17.83 10.81
N TYR A 154 -19.86 18.68 11.30
CA TYR A 154 -18.54 18.25 11.79
C TYR A 154 -18.29 18.76 13.22
N GLY A 155 -18.17 17.82 14.16
CA GLY A 155 -17.90 18.21 15.53
C GLY A 155 -16.41 18.46 15.64
N ALA A 156 -15.98 19.56 15.01
CA ALA A 156 -14.57 19.93 14.97
C ALA A 156 -14.06 20.86 16.09
N ASP A 157 -12.74 20.86 16.25
CA ASP A 157 -12.05 21.69 17.24
C ASP A 157 -12.67 21.72 18.63
N VAL A 158 -12.90 20.54 19.19
CA VAL A 158 -13.48 20.44 20.53
C VAL A 158 -12.38 20.23 21.55
N ASN A 159 -12.23 21.17 22.47
CA ASN A 159 -11.21 21.05 23.51
C ASN A 159 -11.43 19.76 24.30
N GLY A 160 -10.34 19.07 24.61
CA GLY A 160 -10.42 17.83 25.37
C GLY A 160 -9.55 16.71 24.85
N THR A 161 -9.51 15.62 25.60
CA THR A 161 -8.73 14.44 25.21
C THR A 161 -9.43 13.17 25.67
N LEU A 162 -9.28 12.08 24.92
CA LEU A 162 -9.89 10.80 25.28
C LEU A 162 -8.81 9.89 25.86
N TYR A 163 -7.63 10.45 26.06
CA TYR A 163 -6.52 9.69 26.63
C TYR A 163 -6.66 9.53 28.14
N GLU A 164 -6.36 8.33 28.64
CA GLU A 164 -6.41 8.07 30.07
C GLU A 164 -5.13 8.68 30.62
N LYS A 165 -5.24 9.48 31.67
CA LYS A 165 -4.11 10.17 32.26
C LYS A 165 -2.99 9.25 32.74
N HIS A 166 -3.17 7.95 32.53
CA HIS A 166 -2.19 6.97 32.94
C HIS A 166 -1.21 6.60 31.82
N VAL A 167 -1.63 6.82 30.58
CA VAL A 167 -0.79 6.49 29.43
C VAL A 167 0.35 7.47 29.24
N ASP A 168 1.57 6.96 29.16
CA ASP A 168 2.74 7.82 28.98
C ASP A 168 3.36 7.72 27.58
N GLU A 169 2.80 6.86 26.74
CA GLU A 169 3.34 6.69 25.39
C GLU A 169 2.50 7.48 24.38
N TRP A 170 3.17 8.31 23.59
CA TRP A 170 2.50 9.10 22.57
C TRP A 170 1.21 9.74 23.08
N ASN A 171 1.27 10.34 24.26
CA ASN A 171 0.10 10.99 24.84
C ASN A 171 -0.01 12.38 24.24
N ILE A 172 -1.00 12.57 23.38
CA ILE A 172 -1.22 13.84 22.70
C ILE A 172 -1.37 15.02 23.65
N GLY A 173 -1.87 14.74 24.85
CA GLY A 173 -2.06 15.81 25.83
C GLY A 173 -0.76 16.27 26.47
N ARG A 174 0.32 15.53 26.23
CA ARG A 174 1.63 15.86 26.80
C ARG A 174 2.73 15.04 26.11
N LEU A 175 3.22 15.55 24.99
CA LEU A 175 4.23 14.86 24.22
C LEU A 175 5.64 15.22 24.70
N ARG A 176 5.78 16.37 25.34
CA ARG A 176 7.07 16.83 25.83
C ARG A 176 8.07 17.12 24.70
N THR A 177 7.74 18.07 23.84
CA THR A 177 8.63 18.45 22.75
C THR A 177 9.03 19.89 23.03
N ILE A 178 10.02 20.41 22.31
CA ILE A 178 10.47 21.78 22.54
C ILE A 178 9.36 22.82 22.37
N LEU A 179 8.18 22.38 21.93
CA LEU A 179 7.08 23.32 21.75
C LEU A 179 6.55 23.81 23.09
N ASP A 180 6.77 23.01 24.12
CA ASP A 180 6.32 23.38 25.47
C ASP A 180 6.93 24.70 25.94
N LEU A 181 8.06 25.09 25.35
CA LEU A 181 8.71 26.34 25.70
C LEU A 181 7.76 27.52 25.62
N VAL A 182 6.71 27.42 24.81
CA VAL A 182 5.75 28.52 24.68
C VAL A 182 4.95 28.68 25.97
N GLU A 183 4.55 27.56 26.56
CA GLU A 183 3.76 27.55 27.79
C GLU A 183 4.65 27.70 29.03
N LYS A 184 5.69 26.87 29.11
CA LYS A 184 6.62 26.89 30.24
C LYS A 184 7.44 28.16 30.41
N GLU A 185 7.51 28.97 29.35
CA GLU A 185 8.30 30.20 29.40
C GLU A 185 7.48 31.48 29.33
N SER A 186 6.41 31.47 28.54
CA SER A 186 5.57 32.66 28.44
C SER A 186 4.22 32.46 29.10
N GLY A 187 3.98 31.26 29.62
CA GLY A 187 2.72 30.97 30.26
C GLY A 187 1.53 31.23 29.34
N ILE A 188 1.68 30.93 28.06
CA ILE A 188 0.61 31.14 27.09
C ILE A 188 0.08 29.82 26.53
N THR A 189 -1.24 29.68 26.52
CA THR A 189 -1.87 28.47 26.00
C THR A 189 -2.67 28.75 24.72
N ILE A 190 -2.20 28.15 23.62
CA ILE A 190 -2.86 28.29 22.32
C ILE A 190 -3.63 26.99 22.11
N GLU A 191 -4.91 27.02 22.42
CA GLU A 191 -5.76 25.83 22.28
C GLU A 191 -5.67 25.18 20.90
N GLY A 192 -5.57 23.84 20.91
CA GLY A 192 -5.47 23.09 19.68
C GLY A 192 -4.04 23.00 19.18
N VAL A 193 -3.22 23.96 19.58
CA VAL A 193 -1.82 23.99 19.16
C VAL A 193 -0.93 23.37 20.23
N ASN A 194 -1.12 23.77 21.48
CA ASN A 194 -0.36 23.22 22.59
C ASN A 194 -1.28 22.45 23.52
N THR A 195 -2.55 22.33 23.12
CA THR A 195 -3.56 21.58 23.89
C THR A 195 -4.29 20.68 22.90
N PRO A 196 -4.82 19.53 23.38
CA PRO A 196 -5.55 18.58 22.53
C PRO A 196 -6.88 19.08 21.97
N TYR A 197 -7.21 18.61 20.78
CA TYR A 197 -8.46 18.93 20.10
C TYR A 197 -9.11 17.62 19.66
N LEU A 198 -10.44 17.57 19.76
CA LEU A 198 -11.16 16.39 19.34
C LEU A 198 -11.96 16.72 18.09
N TYR A 199 -12.05 15.75 17.20
CA TYR A 199 -12.82 15.87 15.97
C TYR A 199 -13.77 14.70 15.75
N PHE A 200 -15.07 14.99 15.81
CA PHE A 200 -16.09 13.97 15.57
C PHE A 200 -16.63 14.21 14.16
N GLY A 201 -16.26 13.35 13.23
CA GLY A 201 -16.76 13.51 11.87
C GLY A 201 -17.82 12.52 11.43
N MET A 202 -18.35 12.80 10.24
CA MET A 202 -19.35 11.95 9.62
C MET A 202 -19.06 11.97 8.12
N TRP A 203 -19.69 11.07 7.39
CA TRP A 203 -19.48 10.99 5.97
C TRP A 203 -19.45 12.37 5.30
N LYS A 204 -18.43 12.59 4.46
CA LYS A 204 -18.25 13.80 3.69
C LYS A 204 -17.71 15.05 4.41
N THR A 205 -17.52 14.96 5.72
CA THR A 205 -16.96 16.10 6.44
C THR A 205 -15.51 16.25 5.98
N SER A 206 -15.06 17.48 5.76
CA SER A 206 -13.69 17.66 5.28
C SER A 206 -12.85 18.71 5.95
N PHE A 207 -11.54 18.55 5.80
CA PHE A 207 -10.59 19.53 6.28
C PHE A 207 -9.81 19.99 5.05
N ALA A 208 -9.86 21.30 4.81
CA ALA A 208 -9.23 21.96 3.67
C ALA A 208 -7.71 21.93 3.68
N TRP A 209 -7.14 22.24 2.52
CA TRP A 209 -5.69 22.27 2.33
C TRP A 209 -5.05 23.30 3.23
N HIS A 210 -4.00 22.89 3.91
CA HIS A 210 -3.29 23.79 4.80
C HIS A 210 -2.02 23.19 5.36
N THR A 211 -1.23 24.01 6.02
CA THR A 211 -0.03 23.57 6.74
C THR A 211 -0.38 23.95 8.19
N GLU A 212 0.29 23.34 9.17
CA GLU A 212 0.00 23.67 10.58
C GLU A 212 0.34 25.13 10.82
N ASP A 213 -0.25 25.72 11.86
CA ASP A 213 0.08 27.10 12.23
C ASP A 213 1.59 27.12 12.52
N MET A 214 2.25 28.21 12.12
CA MET A 214 3.67 28.38 12.32
C MET A 214 4.38 27.20 11.65
N ASP A 215 3.70 26.56 10.71
CA ASP A 215 4.24 25.41 10.00
C ASP A 215 4.82 24.36 10.92
N LEU A 216 4.18 24.13 12.06
CA LEU A 216 4.64 23.15 13.04
C LEU A 216 4.29 21.74 12.61
N TYR A 217 4.67 20.77 13.43
CA TYR A 217 4.31 19.39 13.15
C TYR A 217 2.88 19.23 13.66
N SER A 218 2.31 18.04 13.50
CA SER A 218 0.98 17.78 14.01
C SER A 218 0.88 16.28 14.18
N ILE A 219 0.04 15.86 15.12
CA ILE A 219 -0.15 14.45 15.39
C ILE A 219 -1.65 14.21 15.40
N ASN A 220 -2.08 13.16 14.69
CA ASN A 220 -3.50 12.82 14.57
C ASN A 220 -3.72 11.33 14.83
N TYR A 221 -4.56 11.04 15.81
CA TYR A 221 -4.86 9.68 16.17
C TYR A 221 -6.33 9.44 15.97
N LEU A 222 -6.68 8.35 15.27
CA LEU A 222 -8.07 8.01 15.04
C LEU A 222 -8.54 7.06 16.14
N HIS A 223 -9.19 7.62 17.17
CA HIS A 223 -9.69 6.84 18.30
C HIS A 223 -10.58 5.68 17.88
N PHE A 224 -11.59 5.94 17.07
CA PHE A 224 -12.47 4.86 16.64
C PHE A 224 -13.32 5.35 15.48
N GLY A 225 -14.09 4.42 14.91
CA GLY A 225 -15.02 4.73 13.82
C GLY A 225 -14.50 4.49 12.42
N GLU A 226 -15.22 4.99 11.43
CA GLU A 226 -14.83 4.86 10.04
C GLU A 226 -13.50 5.59 9.78
N PRO A 227 -12.79 5.20 8.71
CA PRO A 227 -11.50 5.83 8.37
C PRO A 227 -11.53 7.34 8.05
N LYS A 228 -10.34 7.87 7.79
CA LYS A 228 -10.15 9.26 7.42
C LYS A 228 -9.07 9.24 6.31
N SER A 229 -9.39 9.77 5.14
CA SER A 229 -8.45 9.78 4.03
C SER A 229 -7.73 11.12 3.93
N TRP A 230 -6.45 11.06 3.60
CA TRP A 230 -5.63 12.24 3.53
C TRP A 230 -5.02 12.42 2.15
N TYR A 231 -4.71 13.67 1.84
CA TYR A 231 -4.03 14.03 0.61
C TYR A 231 -2.87 14.87 1.12
N SER A 232 -1.68 14.68 0.57
CA SER A 232 -0.53 15.43 1.04
C SER A 232 0.43 15.81 -0.08
N VAL A 233 0.97 17.02 0.01
CA VAL A 233 1.91 17.53 -0.98
C VAL A 233 3.28 17.64 -0.34
N PRO A 234 4.30 17.10 -1.01
CA PRO A 234 5.66 17.17 -0.45
C PRO A 234 6.07 18.60 -0.15
N PRO A 235 6.58 18.84 1.05
CA PRO A 235 7.00 20.18 1.47
C PRO A 235 7.86 20.91 0.43
N GLU A 236 8.75 20.17 -0.22
CA GLU A 236 9.63 20.75 -1.25
C GLU A 236 8.88 21.21 -2.49
N HIS A 237 7.58 20.96 -2.54
CA HIS A 237 6.77 21.38 -3.67
C HIS A 237 5.58 22.20 -3.17
N GLY A 238 5.61 22.55 -1.89
CA GLY A 238 4.53 23.33 -1.31
C GLY A 238 4.32 24.69 -1.97
N LYS A 239 5.39 25.35 -2.37
CA LYS A 239 5.28 26.67 -3.02
C LYS A 239 4.47 26.63 -4.31
N ARG A 240 4.59 25.56 -5.09
CA ARG A 240 3.84 25.49 -6.33
C ARG A 240 2.37 25.20 -6.13
N LEU A 241 2.02 24.75 -4.93
CA LEU A 241 0.62 24.53 -4.61
C LEU A 241 0.07 25.90 -4.22
N GLU A 242 0.87 26.68 -3.50
CA GLU A 242 0.45 28.02 -3.10
C GLU A 242 0.23 28.91 -4.32
N ARG A 243 1.12 28.78 -5.31
CA ARG A 243 1.00 29.59 -6.53
C ARG A 243 -0.21 29.18 -7.34
N LEU A 244 -0.52 27.89 -7.34
CA LEU A 244 -1.67 27.39 -8.07
C LEU A 244 -2.91 27.91 -7.37
N ALA A 245 -2.89 27.88 -6.04
CA ALA A 245 -4.01 28.35 -5.23
C ALA A 245 -4.21 29.84 -5.46
N LYS A 246 -3.10 30.58 -5.43
CA LYS A 246 -3.13 32.02 -5.67
C LYS A 246 -3.80 32.28 -7.01
N GLY A 247 -3.43 31.50 -8.03
CA GLY A 247 -4.03 31.68 -9.34
C GLY A 247 -5.54 31.44 -9.36
N PHE A 248 -5.97 30.32 -8.79
CA PHE A 248 -7.38 29.99 -8.75
C PHE A 248 -8.20 31.01 -7.99
N PHE A 249 -7.65 31.51 -6.89
CA PHE A 249 -8.40 32.48 -6.09
C PHE A 249 -7.67 33.81 -5.99
N PRO A 250 -7.73 34.63 -7.05
CA PRO A 250 -7.08 35.95 -7.13
C PRO A 250 -7.51 36.90 -6.04
N GLY A 251 -8.82 37.03 -5.84
CA GLY A 251 -9.33 37.94 -4.82
C GLY A 251 -8.88 37.62 -3.41
N SER A 252 -8.96 36.34 -3.05
CA SER A 252 -8.57 35.88 -1.73
C SER A 252 -7.09 36.12 -1.52
N ALA A 253 -6.29 35.91 -2.57
CA ALA A 253 -4.86 36.11 -2.48
C ALA A 253 -4.53 37.59 -2.31
N GLN A 254 -5.22 38.46 -3.06
CA GLN A 254 -4.99 39.90 -2.96
C GLN A 254 -5.31 40.43 -1.57
N SER A 255 -6.29 39.81 -0.92
CA SER A 255 -6.69 40.23 0.42
C SER A 255 -5.83 39.61 1.53
N CYS A 256 -5.17 38.50 1.23
CA CYS A 256 -4.34 37.84 2.23
C CYS A 256 -3.39 36.86 1.57
N GLU A 257 -2.10 37.14 1.70
CA GLU A 257 -1.06 36.29 1.13
C GLU A 257 -1.17 34.83 1.62
N ALA A 258 -1.59 34.67 2.87
CA ALA A 258 -1.73 33.36 3.47
C ALA A 258 -3.23 33.03 3.71
N PHE A 259 -4.02 33.16 2.66
CA PHE A 259 -5.44 32.90 2.77
C PHE A 259 -5.73 31.39 2.99
N LEU A 260 -4.85 30.52 2.50
CA LEU A 260 -5.06 29.09 2.70
C LEU A 260 -5.15 28.75 4.19
N ARG A 261 -4.61 29.63 5.04
CA ARG A 261 -4.67 29.37 6.48
C ARG A 261 -6.08 29.58 7.00
N HIS A 262 -6.96 30.10 6.16
CA HIS A 262 -8.35 30.30 6.55
C HIS A 262 -9.02 28.93 6.61
N LYS A 263 -8.39 27.95 5.97
CA LYS A 263 -8.89 26.58 5.93
C LYS A 263 -10.26 26.51 5.31
N MET A 264 -10.39 27.11 4.14
CA MET A 264 -11.64 27.10 3.44
C MET A 264 -11.47 26.64 2.00
N THR A 265 -10.25 26.26 1.64
CA THR A 265 -9.98 25.88 0.25
C THR A 265 -9.89 24.40 -0.02
N LEU A 266 -10.75 23.90 -0.90
CA LEU A 266 -10.72 22.48 -1.27
C LEU A 266 -10.28 22.36 -2.72
N ILE A 267 -9.39 21.41 -2.98
CA ILE A 267 -8.90 21.20 -4.33
C ILE A 267 -8.82 19.70 -4.61
N SER A 268 -9.50 19.25 -5.66
CA SER A 268 -9.52 17.83 -6.02
C SER A 268 -8.18 17.33 -6.56
N PRO A 269 -7.89 16.04 -6.36
CA PRO A 269 -6.65 15.41 -6.82
C PRO A 269 -6.53 15.47 -8.33
N LEU A 270 -7.68 15.44 -9.01
CA LEU A 270 -7.68 15.51 -10.45
C LEU A 270 -7.13 16.85 -10.89
N MET A 271 -7.45 17.91 -10.14
CA MET A 271 -6.95 19.23 -10.47
C MET A 271 -5.45 19.30 -10.18
N LEU A 272 -5.06 18.74 -9.04
CA LEU A 272 -3.65 18.72 -8.66
C LEU A 272 -2.80 18.05 -9.74
N LYS A 273 -3.25 16.89 -10.21
CA LYS A 273 -2.51 16.16 -11.22
C LYS A 273 -2.46 16.93 -12.53
N LYS A 274 -3.58 17.54 -12.89
CA LYS A 274 -3.70 18.30 -14.12
C LYS A 274 -2.69 19.45 -14.19
N TYR A 275 -2.46 20.11 -13.06
CA TYR A 275 -1.52 21.23 -13.01
C TYR A 275 -0.11 20.82 -12.56
N GLY A 276 0.15 19.53 -12.51
CA GLY A 276 1.48 19.06 -12.15
C GLY A 276 1.94 19.22 -10.73
N ILE A 277 1.01 19.21 -9.79
CA ILE A 277 1.38 19.31 -8.39
C ILE A 277 1.58 17.91 -7.82
N PRO A 278 2.82 17.57 -7.46
CA PRO A 278 3.08 16.24 -6.90
C PRO A 278 2.30 16.06 -5.60
N PHE A 279 1.77 14.86 -5.40
CA PHE A 279 1.00 14.54 -4.20
C PHE A 279 0.80 13.04 -4.05
N ASP A 280 0.32 12.64 -2.88
CA ASP A 280 0.07 11.24 -2.60
C ASP A 280 -1.16 11.18 -1.69
N LYS A 281 -1.76 10.00 -1.55
CA LYS A 281 -2.94 9.85 -0.71
C LYS A 281 -2.81 8.64 0.22
N VAL A 282 -3.49 8.67 1.36
CA VAL A 282 -3.42 7.55 2.30
C VAL A 282 -4.68 7.57 3.13
N THR A 283 -5.13 6.40 3.58
CA THR A 283 -6.32 6.27 4.41
C THR A 283 -5.93 5.79 5.78
N GLN A 284 -6.28 6.58 6.80
CA GLN A 284 -5.98 6.27 8.18
C GLN A 284 -7.10 5.42 8.79
N GLU A 285 -6.72 4.40 9.55
CA GLU A 285 -7.71 3.51 10.17
C GLU A 285 -7.72 3.72 11.69
N ALA A 286 -8.83 3.38 12.33
CA ALA A 286 -8.94 3.54 13.78
C ALA A 286 -7.74 2.87 14.44
N GLY A 287 -7.10 3.58 15.36
CA GLY A 287 -5.97 2.98 16.05
C GLY A 287 -4.63 3.33 15.42
N GLU A 288 -4.66 4.12 14.35
CA GLU A 288 -3.42 4.49 13.70
C GLU A 288 -3.10 5.96 13.91
N PHE A 289 -1.82 6.28 13.94
CA PHE A 289 -1.33 7.65 14.08
C PHE A 289 -0.93 8.24 12.71
N MET A 290 -1.20 9.52 12.53
CA MET A 290 -0.80 10.22 11.32
C MET A 290 0.04 11.42 11.76
N ILE A 291 1.23 11.56 11.17
CA ILE A 291 2.12 12.65 11.49
C ILE A 291 2.32 13.56 10.26
N THR A 292 2.13 14.86 10.44
CA THR A 292 2.32 15.83 9.37
C THR A 292 3.58 16.59 9.74
N PHE A 293 4.39 16.92 8.76
CA PHE A 293 5.65 17.60 9.03
C PHE A 293 5.61 19.06 8.62
N PRO A 294 6.56 19.86 9.12
CA PRO A 294 6.61 21.30 8.79
C PRO A 294 6.47 21.61 7.30
N TYR A 295 5.54 22.51 7.00
CA TYR A 295 5.24 22.96 5.65
C TYR A 295 4.70 21.86 4.78
N GLY A 296 4.09 20.89 5.43
CA GLY A 296 3.51 19.80 4.67
C GLY A 296 2.04 20.10 4.46
N TYR A 297 1.64 20.34 3.22
CA TYR A 297 0.24 20.61 2.88
C TYR A 297 -0.61 19.32 2.84
N HIS A 298 -1.76 19.36 3.51
CA HIS A 298 -2.63 18.21 3.52
C HIS A 298 -4.08 18.65 3.60
N ALA A 299 -4.97 17.71 3.30
CA ALA A 299 -6.43 17.92 3.30
C ALA A 299 -7.05 16.52 3.21
N GLY A 300 -8.35 16.40 3.46
CA GLY A 300 -8.98 15.10 3.37
C GLY A 300 -10.43 15.12 3.78
N PHE A 301 -10.93 13.94 4.12
CA PHE A 301 -12.32 13.76 4.53
C PHE A 301 -12.53 12.45 5.33
N ASN A 302 -13.63 12.39 6.07
CA ASN A 302 -13.95 11.19 6.85
C ASN A 302 -14.95 10.33 6.10
N HIS A 303 -14.77 9.01 6.18
CA HIS A 303 -15.67 8.09 5.49
C HIS A 303 -16.98 7.99 6.25
N GLY A 304 -16.91 8.24 7.55
CA GLY A 304 -18.13 8.14 8.35
C GLY A 304 -17.89 8.52 9.78
N PHE A 305 -18.82 8.17 10.65
CA PHE A 305 -18.72 8.53 12.07
C PHE A 305 -17.41 8.05 12.68
N ASN A 306 -16.67 8.97 13.28
CA ASN A 306 -15.41 8.63 13.91
C ASN A 306 -14.98 9.73 14.86
N CYS A 307 -13.83 9.54 15.49
CA CYS A 307 -13.30 10.51 16.43
C CYS A 307 -11.79 10.53 16.38
N ALA A 308 -11.20 11.72 16.31
CA ALA A 308 -9.75 11.84 16.23
C ALA A 308 -9.27 12.90 17.19
N GLU A 309 -8.06 12.74 17.71
CA GLU A 309 -7.48 13.70 18.62
C GLU A 309 -6.25 14.23 17.92
N SER A 310 -6.03 15.53 18.02
CA SER A 310 -4.90 16.17 17.36
C SER A 310 -4.29 17.34 18.15
N THR A 311 -3.05 17.68 17.82
CA THR A 311 -2.35 18.78 18.46
C THR A 311 -1.04 18.99 17.72
N ASN A 312 -0.38 20.13 17.93
CA ASN A 312 0.87 20.39 17.24
C ASN A 312 2.05 20.05 18.13
N PHE A 313 3.25 20.02 17.56
CA PHE A 313 4.45 19.76 18.33
C PHE A 313 5.64 20.14 17.47
N ALA A 314 6.82 20.20 18.06
CA ALA A 314 7.99 20.61 17.28
C ALA A 314 9.24 19.83 17.58
N THR A 315 10.27 20.11 16.78
CA THR A 315 11.59 19.53 16.94
C THR A 315 12.56 20.66 16.64
N ARG A 316 13.85 20.40 16.75
CA ARG A 316 14.84 21.43 16.48
C ARG A 316 14.80 21.83 15.01
N ARG A 317 14.43 20.89 14.15
CA ARG A 317 14.37 21.17 12.71
C ARG A 317 13.24 22.15 12.37
N TRP A 318 12.20 22.15 13.18
CA TRP A 318 11.07 23.06 12.92
C TRP A 318 11.38 24.54 13.05
N ILE A 319 12.22 24.88 14.03
CA ILE A 319 12.56 26.26 14.30
C ILE A 319 12.73 27.14 13.06
N GLU A 320 13.53 26.69 12.11
CA GLU A 320 13.74 27.47 10.91
C GLU A 320 12.42 27.71 10.15
N TYR A 321 11.60 26.68 10.03
CA TYR A 321 10.31 26.83 9.36
C TYR A 321 9.47 27.86 10.10
N GLY A 322 9.52 27.80 11.42
CA GLY A 322 8.76 28.72 12.25
C GLY A 322 9.18 30.15 12.05
N LYS A 323 10.47 30.36 11.80
CA LYS A 323 11.03 31.70 11.63
C LYS A 323 10.63 32.30 10.31
N GLN A 324 10.51 31.47 9.30
CA GLN A 324 10.15 31.92 7.97
C GLN A 324 8.70 31.69 7.60
N ALA A 325 7.90 31.16 8.52
CA ALA A 325 6.50 30.88 8.24
C ALA A 325 5.72 32.11 7.81
N VAL A 326 5.03 32.00 6.68
CA VAL A 326 4.22 33.10 6.17
C VAL A 326 2.92 33.10 6.96
N LEU A 327 2.64 34.20 7.65
CA LEU A 327 1.45 34.29 8.49
C LEU A 327 0.29 35.05 7.92
N CYS A 328 -0.87 34.87 8.55
CA CYS A 328 -2.11 35.52 8.19
C CYS A 328 -2.36 36.65 9.19
N SER A 329 -2.61 37.84 8.69
CA SER A 329 -2.86 38.96 9.59
C SER A 329 -4.16 39.69 9.24
N CYS A 330 -4.94 39.13 8.30
CA CYS A 330 -6.20 39.76 7.89
C CYS A 330 -7.28 39.43 8.92
N ARG A 331 -6.92 38.57 9.87
CA ARG A 331 -7.87 38.15 10.90
C ARG A 331 -7.30 38.25 12.29
N LYS A 332 -8.22 38.27 13.26
CA LYS A 332 -7.88 38.32 14.67
C LYS A 332 -7.85 36.89 15.18
N ASP A 333 -7.26 36.70 16.36
CA ASP A 333 -7.19 35.38 16.98
C ASP A 333 -6.41 34.29 16.23
N MET A 334 -5.77 34.63 15.12
CA MET A 334 -4.97 33.65 14.39
C MET A 334 -3.80 33.25 15.29
N VAL A 335 -3.37 31.99 15.21
CA VAL A 335 -2.26 31.51 16.02
C VAL A 335 -0.95 32.20 15.64
N LYS A 336 -0.32 32.82 16.64
CA LYS A 336 0.94 33.49 16.42
C LYS A 336 1.89 33.14 17.56
N ILE A 337 3.08 32.67 17.20
CA ILE A 337 4.06 32.29 18.20
C ILE A 337 5.35 33.05 17.97
N SER A 338 5.86 33.66 19.05
CA SER A 338 7.11 34.41 19.01
C SER A 338 8.24 33.40 18.94
N MET A 339 9.09 33.53 17.93
CA MET A 339 10.23 32.62 17.74
C MET A 339 11.46 32.98 18.55
N ASP A 340 11.36 34.06 19.33
CA ASP A 340 12.49 34.55 20.10
C ASP A 340 13.09 33.52 21.07
N VAL A 341 12.25 32.87 21.86
CA VAL A 341 12.73 31.89 22.81
C VAL A 341 13.45 30.69 22.17
N PHE A 342 13.07 30.34 20.95
CA PHE A 342 13.71 29.21 20.27
C PHE A 342 15.03 29.62 19.63
N VAL A 343 15.06 30.79 19.00
CA VAL A 343 16.28 31.25 18.35
C VAL A 343 17.34 31.52 19.41
N ARG A 344 16.92 32.12 20.51
CA ARG A 344 17.82 32.47 21.60
C ARG A 344 18.39 31.23 22.27
N LYS A 345 17.57 30.19 22.38
CA LYS A 345 18.01 28.96 23.01
C LYS A 345 18.75 27.95 22.10
N PHE A 346 18.22 27.70 20.92
CA PHE A 346 18.85 26.74 20.03
C PHE A 346 19.72 27.32 18.94
N GLN A 347 19.63 28.63 18.75
CA GLN A 347 20.46 29.31 17.76
C GLN A 347 21.10 30.57 18.34
N PRO A 348 21.77 30.45 19.51
CA PRO A 348 22.40 31.61 20.15
C PRO A 348 23.43 32.36 19.30
N GLU A 349 24.07 31.63 18.39
CA GLU A 349 25.09 32.23 17.55
C GLU A 349 24.49 32.88 16.31
N ARG A 350 23.18 32.94 16.23
CA ARG A 350 22.51 33.55 15.10
C ARG A 350 21.47 34.53 15.60
N TYR A 351 21.28 34.56 16.92
CA TYR A 351 20.29 35.42 17.53
C TYR A 351 20.45 36.92 17.23
N LYS A 352 21.66 37.43 17.37
CA LYS A 352 21.90 38.84 17.15
C LYS A 352 21.63 39.24 15.71
N LEU A 353 22.01 38.38 14.77
CA LEU A 353 21.77 38.66 13.35
C LEU A 353 20.27 38.55 13.06
N TRP A 354 19.62 37.60 13.73
CA TRP A 354 18.20 37.38 13.55
C TRP A 354 17.39 38.57 14.05
N LYS A 355 17.68 39.02 15.28
CA LYS A 355 16.97 40.17 15.84
C LYS A 355 17.09 41.37 14.93
N ALA A 356 18.22 41.44 14.23
CA ALA A 356 18.50 42.56 13.34
C ALA A 356 17.81 42.35 12.00
N GLY A 357 17.15 41.22 11.87
CA GLY A 357 16.45 40.91 10.62
C GLY A 357 17.40 40.63 9.47
N LYS A 358 18.62 40.18 9.79
CA LYS A 358 19.62 39.86 8.77
C LYS A 358 19.88 38.36 8.59
N ASP A 359 19.02 37.51 9.14
CA ASP A 359 19.20 36.08 9.00
C ASP A 359 18.72 35.63 7.61
N ASN A 360 19.65 35.17 6.78
CA ASN A 360 19.34 34.76 5.41
C ASN A 360 19.24 33.25 5.20
N THR A 361 19.01 32.50 6.28
CA THR A 361 18.92 31.05 6.21
C THR A 361 17.89 30.56 5.18
N VAL A 362 18.28 29.56 4.40
CA VAL A 362 17.43 28.96 3.38
C VAL A 362 17.24 27.52 3.78
N ILE A 363 15.99 27.08 3.91
CA ILE A 363 15.70 25.73 4.33
C ILE A 363 15.81 24.66 3.23
N ASP A 364 16.36 23.51 3.62
CA ASP A 364 16.52 22.35 2.74
C ASP A 364 15.56 21.28 3.25
N HIS A 365 14.40 21.21 2.61
CA HIS A 365 13.34 20.27 2.98
C HIS A 365 13.72 18.80 3.00
N THR A 366 14.88 18.45 2.47
CA THR A 366 15.33 17.05 2.44
C THR A 366 15.94 16.59 3.75
N LEU A 367 16.65 17.49 4.43
CA LEU A 367 17.32 17.19 5.69
C LEU A 367 16.42 16.76 6.85
N PRO A 368 16.85 15.74 7.60
CA PRO A 368 16.11 15.23 8.77
C PRO A 368 16.50 16.07 9.99
N THR A 369 15.69 16.04 11.04
CA THR A 369 16.03 16.81 12.23
C THR A 369 17.34 16.30 12.84
N PRO A 370 18.18 17.20 13.36
CA PRO A 370 19.48 16.86 13.97
C PRO A 370 19.46 15.67 14.94
N GLU A 371 18.38 15.49 15.69
CA GLU A 371 18.28 14.39 16.65
C GLU A 371 18.37 13.03 15.96
N ALA A 372 18.28 13.05 14.63
CA ALA A 372 18.32 11.82 13.83
C ALA A 372 19.73 11.35 13.52
N ALA A 373 20.72 12.16 13.85
CA ALA A 373 22.12 11.81 13.59
C ALA A 373 22.47 10.51 14.33
N GLU A 374 21.67 10.18 15.35
CA GLU A 374 21.86 8.97 16.13
C GLU A 374 21.60 7.72 15.28
N PHE A 375 20.71 7.87 14.30
CA PHE A 375 20.35 6.75 13.44
C PHE A 375 20.99 6.86 12.05
N LEU A 376 21.87 7.85 11.86
CA LEU A 376 22.52 8.05 10.58
C LEU A 376 23.78 7.20 10.37
N LYS A 377 24.51 6.93 11.45
CA LYS A 377 25.72 6.12 11.34
C LYS A 377 25.39 4.66 11.03
N THR B 29 -17.68 -9.91 -1.32
CA THR B 29 -18.18 -9.76 0.08
C THR B 29 -17.56 -10.80 1.01
N LEU B 30 -17.11 -11.91 0.43
CA LEU B 30 -16.49 -13.01 1.20
C LEU B 30 -14.98 -12.75 1.38
N ASN B 31 -14.40 -13.33 2.42
CA ASN B 31 -12.98 -13.15 2.73
C ASN B 31 -12.62 -11.67 2.58
N PRO B 32 -13.24 -10.81 3.41
CA PRO B 32 -13.03 -9.36 3.44
C PRO B 32 -11.61 -8.89 3.71
N SER B 33 -10.80 -9.74 4.32
CA SER B 33 -9.40 -9.39 4.62
C SER B 33 -8.47 -9.82 3.49
N ALA B 34 -9.03 -10.51 2.49
CA ALA B 34 -8.25 -10.99 1.35
C ALA B 34 -7.04 -11.77 1.82
N ARG B 35 -7.20 -12.52 2.91
CA ARG B 35 -6.11 -13.32 3.46
C ARG B 35 -5.95 -14.59 2.62
N ILE B 36 -4.74 -15.15 2.62
CA ILE B 36 -4.49 -16.38 1.89
C ILE B 36 -5.19 -17.54 2.61
N MET B 37 -6.01 -18.30 1.88
CA MET B 37 -6.77 -19.40 2.45
C MET B 37 -6.21 -20.76 2.08
N THR B 38 -6.35 -21.71 3.00
CA THR B 38 -5.88 -23.08 2.82
C THR B 38 -7.09 -24.00 2.79
N PHE B 39 -7.11 -24.93 1.83
CA PHE B 39 -8.22 -25.88 1.70
C PHE B 39 -7.79 -27.34 1.78
N TYR B 40 -8.67 -28.17 2.33
CA TYR B 40 -8.45 -29.60 2.47
C TYR B 40 -9.64 -30.33 1.88
N PRO B 41 -9.64 -30.51 0.54
CA PRO B 41 -10.74 -31.19 -0.13
C PRO B 41 -10.75 -32.70 0.08
N THR B 42 -11.93 -33.30 -0.01
CA THR B 42 -12.05 -34.75 0.12
C THR B 42 -11.71 -35.29 -1.27
N MET B 43 -11.52 -36.60 -1.38
CA MET B 43 -11.19 -37.18 -2.66
C MET B 43 -12.20 -36.90 -3.77
N GLU B 44 -13.50 -36.87 -3.45
CA GLU B 44 -14.50 -36.60 -4.48
C GLU B 44 -14.60 -35.11 -4.79
N GLU B 45 -14.11 -34.29 -3.86
CA GLU B 45 -14.10 -32.85 -4.07
C GLU B 45 -12.88 -32.55 -4.92
N PHE B 46 -11.83 -33.33 -4.68
CA PHE B 46 -10.56 -33.20 -5.38
C PHE B 46 -10.67 -33.58 -6.86
N ARG B 47 -11.38 -34.67 -7.11
CA ARG B 47 -11.57 -35.22 -8.44
C ARG B 47 -11.78 -34.22 -9.59
N ASN B 48 -12.74 -33.32 -9.44
CA ASN B 48 -13.02 -32.34 -10.49
C ASN B 48 -12.32 -31.01 -10.26
N PHE B 49 -11.20 -30.81 -10.95
CA PHE B 49 -10.40 -29.60 -10.83
C PHE B 49 -11.14 -28.28 -10.99
N SER B 50 -11.63 -28.02 -12.19
CA SER B 50 -12.31 -26.76 -12.48
C SER B 50 -13.51 -26.49 -11.55
N ARG B 51 -14.09 -27.54 -11.00
CA ARG B 51 -15.23 -27.39 -10.12
C ARG B 51 -14.79 -26.90 -8.74
N TYR B 52 -13.67 -27.42 -8.26
CA TYR B 52 -13.17 -27.01 -6.96
C TYR B 52 -12.62 -25.58 -6.99
N ILE B 53 -12.17 -25.14 -8.17
CA ILE B 53 -11.64 -23.79 -8.30
C ILE B 53 -12.79 -22.82 -8.08
N ALA B 54 -13.89 -23.09 -8.75
CA ALA B 54 -15.07 -22.24 -8.62
C ALA B 54 -15.51 -22.26 -7.15
N TYR B 55 -15.33 -23.39 -6.50
CA TYR B 55 -15.69 -23.52 -5.09
C TYR B 55 -14.85 -22.60 -4.19
N ILE B 56 -13.53 -22.74 -4.23
CA ILE B 56 -12.65 -21.92 -3.40
C ILE B 56 -12.89 -20.45 -3.66
N GLU B 57 -13.22 -20.10 -4.90
CA GLU B 57 -13.51 -18.71 -5.20
C GLU B 57 -14.85 -18.28 -4.56
N SER B 58 -15.83 -19.20 -4.55
CA SER B 58 -17.13 -18.87 -3.94
C SER B 58 -16.88 -18.59 -2.47
N GLN B 59 -15.74 -19.03 -1.96
CA GLN B 59 -15.37 -18.79 -0.57
C GLN B 59 -14.43 -17.59 -0.47
N GLY B 60 -14.27 -16.85 -1.57
CA GLY B 60 -13.41 -15.66 -1.56
C GLY B 60 -11.90 -15.89 -1.59
N ALA B 61 -11.47 -17.11 -1.87
CA ALA B 61 -10.04 -17.39 -1.92
C ALA B 61 -9.26 -16.50 -2.90
N HIS B 62 -9.87 -16.23 -4.05
CA HIS B 62 -9.20 -15.43 -5.08
C HIS B 62 -8.81 -14.03 -4.64
N ARG B 63 -9.54 -13.44 -3.70
CA ARG B 63 -9.25 -12.08 -3.26
C ARG B 63 -7.85 -11.95 -2.70
N ALA B 64 -7.26 -13.05 -2.26
CA ALA B 64 -5.91 -12.97 -1.72
C ALA B 64 -4.89 -13.01 -2.87
N GLY B 65 -5.32 -13.53 -4.01
CA GLY B 65 -4.43 -13.67 -5.16
C GLY B 65 -3.68 -14.99 -5.15
N LEU B 66 -3.67 -15.63 -3.99
CA LEU B 66 -2.97 -16.89 -3.83
C LEU B 66 -3.71 -17.77 -2.83
N ALA B 67 -3.72 -19.07 -3.07
CA ALA B 67 -4.39 -20.00 -2.15
C ALA B 67 -3.66 -21.34 -2.08
N LYS B 68 -3.78 -22.03 -0.95
CA LYS B 68 -3.14 -23.32 -0.82
C LYS B 68 -4.17 -24.45 -0.80
N VAL B 69 -3.86 -25.55 -1.48
CA VAL B 69 -4.75 -26.69 -1.52
C VAL B 69 -4.03 -27.97 -1.11
N VAL B 70 -4.36 -28.49 0.06
CA VAL B 70 -3.73 -29.72 0.54
C VAL B 70 -4.53 -30.88 -0.02
N PRO B 71 -3.90 -31.71 -0.86
CA PRO B 71 -4.56 -32.86 -1.46
C PRO B 71 -4.73 -34.02 -0.50
N PRO B 72 -5.82 -34.78 -0.65
CA PRO B 72 -6.11 -35.94 0.21
C PRO B 72 -4.90 -36.84 0.34
N LYS B 73 -4.65 -37.32 1.56
CA LYS B 73 -3.53 -38.21 1.82
C LYS B 73 -3.58 -39.40 0.87
N GLU B 74 -4.79 -39.86 0.57
CA GLU B 74 -4.99 -41.00 -0.33
C GLU B 74 -4.47 -40.70 -1.73
N TRP B 75 -4.24 -39.42 -2.01
CA TRP B 75 -3.76 -39.02 -3.32
C TRP B 75 -2.25 -38.99 -3.42
N LYS B 76 -1.75 -39.43 -4.58
CA LYS B 76 -0.33 -39.45 -4.86
C LYS B 76 -0.18 -39.33 -6.37
N PRO B 77 0.65 -38.38 -6.84
CA PRO B 77 0.86 -38.18 -8.27
C PRO B 77 1.92 -39.09 -8.89
N ARG B 78 2.87 -39.53 -8.08
CA ARG B 78 3.92 -40.39 -8.57
C ARG B 78 4.25 -41.46 -7.52
N ALA B 79 4.63 -42.64 -7.98
CA ALA B 79 4.95 -43.73 -7.05
C ALA B 79 6.21 -43.41 -6.25
N SER B 80 7.30 -43.16 -6.97
CA SER B 80 8.56 -42.82 -6.31
C SER B 80 9.43 -41.91 -7.18
N TYR B 81 10.08 -40.96 -6.53
CA TYR B 81 10.96 -40.04 -7.23
C TYR B 81 12.41 -40.53 -7.13
N ASP B 82 12.66 -41.79 -7.49
CA ASP B 82 14.00 -42.35 -7.41
C ASP B 82 14.62 -42.63 -8.77
N ASP B 83 13.92 -42.30 -9.85
CA ASP B 83 14.42 -42.58 -11.18
C ASP B 83 14.60 -41.36 -12.07
N ILE B 84 14.52 -40.17 -11.48
CA ILE B 84 14.65 -38.94 -12.26
C ILE B 84 16.04 -38.29 -12.17
N ASP B 85 16.98 -38.97 -11.54
CA ASP B 85 18.32 -38.45 -11.37
C ASP B 85 19.12 -38.21 -12.64
N ASP B 86 18.73 -38.84 -13.73
CA ASP B 86 19.44 -38.65 -14.98
C ASP B 86 18.69 -37.69 -15.88
N LEU B 87 17.55 -37.21 -15.38
CA LEU B 87 16.75 -36.24 -16.14
C LEU B 87 17.64 -35.04 -16.42
N VAL B 88 17.60 -34.54 -17.65
CA VAL B 88 18.44 -33.40 -18.01
C VAL B 88 17.82 -32.01 -17.88
N ILE B 89 18.56 -31.11 -17.25
CA ILE B 89 18.16 -29.71 -17.07
C ILE B 89 19.01 -28.98 -18.10
N PRO B 90 18.47 -28.77 -19.31
CA PRO B 90 19.15 -28.11 -20.42
C PRO B 90 19.59 -26.65 -20.25
N ALA B 91 18.98 -25.93 -19.31
CA ALA B 91 19.33 -24.53 -19.13
C ALA B 91 19.30 -24.04 -17.69
N PRO B 92 20.19 -24.55 -16.86
CA PRO B 92 20.19 -24.10 -15.47
C PRO B 92 20.63 -22.63 -15.45
N ILE B 93 20.12 -21.87 -14.48
CA ILE B 93 20.45 -20.45 -14.39
C ILE B 93 21.10 -20.05 -13.08
N GLN B 94 22.09 -19.17 -13.17
CA GLN B 94 22.78 -18.69 -11.99
C GLN B 94 22.12 -17.36 -11.69
N GLN B 95 21.53 -17.26 -10.51
CA GLN B 95 20.81 -16.03 -10.16
C GLN B 95 21.62 -14.95 -9.45
N LEU B 96 22.17 -14.03 -10.24
CA LEU B 96 22.92 -12.91 -9.69
C LEU B 96 21.94 -11.78 -9.35
N VAL B 97 21.98 -11.31 -8.10
CA VAL B 97 21.10 -10.24 -7.67
C VAL B 97 21.87 -8.99 -7.29
N THR B 98 21.38 -7.84 -7.76
CA THR B 98 21.99 -6.54 -7.47
C THR B 98 20.93 -5.62 -6.87
N GLY B 99 21.31 -4.91 -5.82
CA GLY B 99 20.40 -4.00 -5.16
C GLY B 99 20.69 -3.73 -3.70
N GLN B 100 19.78 -2.98 -3.06
CA GLN B 100 19.94 -2.63 -1.66
C GLN B 100 18.62 -2.07 -1.12
N SER B 101 18.53 -1.92 0.19
CA SER B 101 17.35 -1.37 0.84
C SER B 101 16.06 -2.04 0.41
N GLY B 102 16.03 -3.36 0.37
CA GLY B 102 14.83 -4.07 -0.02
C GLY B 102 14.44 -4.04 -1.49
N LEU B 103 15.24 -3.39 -2.33
CA LEU B 103 14.96 -3.31 -3.77
C LEU B 103 16.10 -3.98 -4.55
N PHE B 104 15.76 -4.96 -5.37
CA PHE B 104 16.79 -5.65 -6.12
C PHE B 104 16.34 -6.04 -7.50
N THR B 105 17.31 -6.21 -8.37
CA THR B 105 17.09 -6.67 -9.73
C THR B 105 17.86 -7.98 -9.92
N GLN B 106 17.22 -8.96 -10.52
CA GLN B 106 17.85 -10.26 -10.71
C GLN B 106 18.24 -10.54 -12.16
N TYR B 107 19.49 -10.90 -12.39
CA TYR B 107 19.98 -11.23 -13.74
C TYR B 107 20.29 -12.71 -13.76
N ASN B 108 19.63 -13.42 -14.66
CA ASN B 108 19.80 -14.86 -14.76
C ASN B 108 20.85 -15.29 -15.80
N ILE B 109 21.93 -15.90 -15.32
CA ILE B 109 23.01 -16.38 -16.18
C ILE B 109 22.83 -17.86 -16.52
N GLN B 110 22.64 -18.16 -17.81
CA GLN B 110 22.46 -19.54 -18.23
C GLN B 110 23.76 -20.34 -18.17
N LYS B 111 23.73 -21.43 -17.40
CA LYS B 111 24.88 -22.30 -17.26
C LYS B 111 24.66 -23.50 -18.18
N LYS B 112 25.68 -24.34 -18.35
CA LYS B 112 25.54 -25.51 -19.21
C LYS B 112 24.73 -26.62 -18.56
N ALA B 113 24.18 -27.49 -19.39
CA ALA B 113 23.34 -28.59 -18.93
C ALA B 113 23.91 -29.36 -17.76
N MET B 114 23.02 -29.99 -17.01
CA MET B 114 23.42 -30.80 -15.86
C MET B 114 22.24 -31.65 -15.37
N THR B 115 22.51 -32.90 -15.03
CA THR B 115 21.48 -33.81 -14.55
C THR B 115 21.00 -33.41 -13.17
N VAL B 116 19.88 -33.98 -12.74
CA VAL B 116 19.34 -33.67 -11.42
C VAL B 116 20.25 -34.14 -10.29
N ARG B 117 21.03 -35.19 -10.53
CA ARG B 117 21.91 -35.66 -9.47
C ARG B 117 23.03 -34.63 -9.29
N GLU B 118 23.49 -34.08 -10.41
CA GLU B 118 24.54 -33.06 -10.39
C GLU B 118 24.01 -31.81 -9.67
N PHE B 119 22.77 -31.44 -9.96
CA PHE B 119 22.17 -30.27 -9.32
C PHE B 119 22.07 -30.48 -7.83
N ARG B 120 21.50 -31.61 -7.45
CA ARG B 120 21.32 -31.92 -6.04
C ARG B 120 22.66 -31.94 -5.30
N LYS B 121 23.70 -32.42 -5.98
CA LYS B 121 25.04 -32.51 -5.39
C LYS B 121 25.50 -31.11 -5.04
N ILE B 122 25.39 -30.21 -6.01
CA ILE B 122 25.79 -28.83 -5.80
C ILE B 122 24.87 -28.17 -4.77
N ALA B 123 23.57 -28.46 -4.87
CA ALA B 123 22.58 -27.88 -3.97
C ALA B 123 22.80 -28.21 -2.49
N ASN B 124 23.05 -29.49 -2.21
CA ASN B 124 23.26 -29.93 -0.83
C ASN B 124 24.68 -29.65 -0.31
N SER B 125 25.59 -29.26 -1.20
CA SER B 125 26.96 -28.99 -0.78
C SER B 125 27.01 -27.85 0.24
N ASP B 126 28.01 -27.88 1.10
CA ASP B 126 28.21 -26.86 2.12
C ASP B 126 28.16 -25.45 1.53
N LYS B 127 28.59 -25.32 0.28
CA LYS B 127 28.61 -24.03 -0.38
C LYS B 127 27.22 -23.43 -0.63
N TYR B 128 26.27 -24.24 -1.08
CA TYR B 128 24.92 -23.74 -1.37
C TYR B 128 23.80 -24.27 -0.49
N CYS B 129 24.11 -25.09 0.51
CA CYS B 129 23.06 -25.69 1.35
C CYS B 129 22.36 -24.68 2.24
N THR B 130 21.22 -25.09 2.79
CA THR B 130 20.40 -24.25 3.64
C THR B 130 21.08 -23.98 4.97
N PRO B 131 21.14 -22.70 5.39
CA PRO B 131 21.77 -22.39 6.67
C PRO B 131 20.86 -22.83 7.80
N ARG B 132 21.42 -22.98 8.99
CA ARG B 132 20.63 -23.39 10.14
C ARG B 132 19.84 -22.21 10.70
N TYR B 133 18.72 -22.51 11.34
CA TYR B 133 17.86 -21.48 11.93
C TYR B 133 16.89 -22.07 12.94
N SER B 134 15.97 -21.27 13.44
CA SER B 134 15.00 -21.75 14.42
C SER B 134 13.59 -21.81 13.84
N GLU B 135 13.04 -20.64 13.56
CA GLU B 135 11.72 -20.55 12.94
C GLU B 135 11.86 -19.88 11.57
N PHE B 136 10.84 -20.05 10.74
CA PHE B 136 10.86 -19.46 9.39
C PHE B 136 11.27 -17.99 9.39
N GLU B 137 10.82 -17.25 10.40
CA GLU B 137 11.13 -15.84 10.52
C GLU B 137 12.64 -15.60 10.39
N GLU B 138 13.43 -16.51 10.98
CA GLU B 138 14.90 -16.40 10.94
C GLU B 138 15.45 -16.69 9.54
N LEU B 139 14.92 -17.74 8.92
CA LEU B 139 15.35 -18.11 7.58
C LEU B 139 14.99 -16.98 6.61
N GLU B 140 13.83 -16.37 6.82
CA GLU B 140 13.34 -15.28 5.98
C GLU B 140 14.25 -14.06 6.10
N ARG B 141 14.71 -13.75 7.31
CA ARG B 141 15.61 -12.64 7.51
C ARG B 141 16.95 -12.90 6.86
N LYS B 142 17.42 -14.16 6.89
CA LYS B 142 18.71 -14.50 6.30
C LYS B 142 18.65 -14.43 4.80
N TYR B 143 17.49 -14.78 4.25
CA TYR B 143 17.30 -14.74 2.80
C TYR B 143 17.46 -13.33 2.28
N TRP B 144 16.75 -12.40 2.89
CA TRP B 144 16.79 -11.00 2.47
C TRP B 144 18.11 -10.33 2.83
N LYS B 145 18.93 -11.01 3.61
CA LYS B 145 20.21 -10.45 4.00
C LYS B 145 21.34 -10.89 3.07
N ASN B 146 21.22 -12.09 2.52
CA ASN B 146 22.28 -12.65 1.68
C ASN B 146 21.87 -12.98 0.25
N LEU B 147 20.71 -12.51 -0.20
CA LEU B 147 20.28 -12.85 -1.55
C LEU B 147 21.21 -12.28 -2.62
N THR B 148 22.01 -11.27 -2.28
CA THR B 148 22.93 -10.72 -3.28
C THR B 148 24.29 -11.40 -3.22
N PHE B 149 24.47 -12.27 -2.23
CA PHE B 149 25.74 -12.97 -2.06
C PHE B 149 25.67 -14.41 -2.55
N ASN B 150 26.84 -14.99 -2.84
CA ASN B 150 26.93 -16.38 -3.30
C ASN B 150 25.74 -16.81 -4.15
N PRO B 151 25.63 -16.25 -5.36
CA PRO B 151 24.54 -16.54 -6.29
C PRO B 151 24.35 -18.03 -6.55
N PRO B 152 23.12 -18.53 -6.32
CA PRO B 152 22.77 -19.95 -6.53
C PRO B 152 22.38 -20.27 -7.94
N ILE B 153 22.17 -21.56 -8.20
CA ILE B 153 21.75 -22.02 -9.51
C ILE B 153 20.30 -22.50 -9.38
N TYR B 154 19.48 -22.17 -10.37
CA TYR B 154 18.09 -22.57 -10.36
C TYR B 154 17.77 -23.40 -11.61
N GLY B 155 17.24 -24.60 -11.41
CA GLY B 155 16.87 -25.46 -12.53
C GLY B 155 15.45 -25.09 -12.91
N ALA B 156 15.26 -23.83 -13.29
CA ALA B 156 13.95 -23.30 -13.65
C ALA B 156 13.54 -23.51 -15.09
N ASP B 157 12.22 -23.48 -15.30
CA ASP B 157 11.61 -23.67 -16.62
C ASP B 157 12.04 -24.90 -17.40
N VAL B 158 11.97 -26.08 -16.77
CA VAL B 158 12.34 -27.31 -17.46
C VAL B 158 11.09 -27.98 -18.04
N ASN B 159 11.12 -28.27 -19.34
CA ASN B 159 9.97 -28.89 -19.99
C ASN B 159 9.75 -30.29 -19.49
N GLY B 160 8.55 -30.57 -19.00
CA GLY B 160 8.26 -31.89 -18.49
C GLY B 160 7.34 -31.92 -17.30
N THR B 161 6.97 -33.14 -16.91
CA THR B 161 6.11 -33.37 -15.76
C THR B 161 6.57 -34.61 -15.01
N LEU B 162 6.24 -34.67 -13.73
CA LEU B 162 6.60 -35.84 -12.93
C LEU B 162 5.36 -36.63 -12.57
N TYR B 163 4.23 -36.27 -13.20
CA TYR B 163 2.96 -36.95 -12.99
C TYR B 163 2.88 -38.28 -13.74
N GLU B 164 2.50 -39.32 -13.01
CA GLU B 164 2.33 -40.65 -13.59
C GLU B 164 1.19 -40.51 -14.60
N LYS B 165 1.36 -41.12 -15.76
CA LYS B 165 0.36 -41.03 -16.84
C LYS B 165 -1.11 -41.33 -16.54
N HIS B 166 -1.39 -42.12 -15.50
CA HIS B 166 -2.78 -42.44 -15.19
C HIS B 166 -3.42 -41.61 -14.08
N VAL B 167 -2.66 -40.72 -13.44
CA VAL B 167 -3.23 -39.86 -12.40
C VAL B 167 -4.25 -38.91 -13.04
N ASP B 168 -5.52 -39.07 -12.67
CA ASP B 168 -6.57 -38.24 -13.26
C ASP B 168 -7.04 -37.05 -12.47
N GLU B 169 -6.57 -36.90 -11.23
CA GLU B 169 -6.98 -35.75 -10.43
C GLU B 169 -5.85 -34.71 -10.38
N TRP B 170 -6.18 -33.47 -10.73
CA TRP B 170 -5.25 -32.35 -10.71
C TRP B 170 -3.94 -32.66 -11.41
N ASN B 171 -4.04 -33.22 -12.60
CA ASN B 171 -2.84 -33.55 -13.35
C ASN B 171 -2.45 -32.31 -14.13
N ILE B 172 -1.38 -31.65 -13.69
CA ILE B 172 -0.91 -30.44 -14.35
C ILE B 172 -0.76 -30.64 -15.85
N GLY B 173 -0.63 -31.91 -16.26
CA GLY B 173 -0.48 -32.20 -17.66
C GLY B 173 -1.79 -32.10 -18.42
N ARG B 174 -2.91 -32.18 -17.71
CA ARG B 174 -4.21 -32.09 -18.36
C ARG B 174 -5.31 -31.75 -17.37
N LEU B 175 -5.47 -30.45 -17.11
CA LEU B 175 -6.47 -29.96 -16.17
C LEU B 175 -7.81 -29.76 -16.86
N ARG B 176 -7.78 -29.73 -18.18
CA ARG B 176 -8.97 -29.55 -18.98
C ARG B 176 -9.76 -28.29 -18.63
N THR B 177 -9.10 -27.14 -18.68
CA THR B 177 -9.77 -25.89 -18.43
C THR B 177 -9.99 -25.28 -19.82
N ILE B 178 -10.70 -24.17 -19.89
CA ILE B 178 -10.94 -23.54 -21.18
C ILE B 178 -9.66 -22.99 -21.83
N LEU B 179 -8.55 -22.97 -21.11
CA LEU B 179 -7.31 -22.48 -21.72
C LEU B 179 -6.94 -23.42 -22.89
N ASP B 180 -7.51 -24.63 -22.86
CA ASP B 180 -7.27 -25.62 -23.88
C ASP B 180 -7.77 -25.13 -25.22
N LEU B 181 -8.63 -24.11 -25.20
CA LEU B 181 -9.17 -23.50 -26.41
C LEU B 181 -8.09 -22.91 -27.31
N VAL B 182 -6.97 -22.49 -26.74
CA VAL B 182 -5.89 -21.93 -27.52
C VAL B 182 -5.26 -22.96 -28.46
N GLU B 183 -4.83 -24.07 -27.89
CA GLU B 183 -4.22 -25.13 -28.68
C GLU B 183 -5.27 -25.78 -29.59
N LYS B 184 -6.42 -26.15 -29.01
CA LYS B 184 -7.49 -26.78 -29.79
C LYS B 184 -7.83 -26.00 -31.06
N GLU B 185 -7.97 -24.69 -30.94
CA GLU B 185 -8.30 -23.85 -32.09
C GLU B 185 -7.16 -23.48 -33.05
N SER B 186 -5.96 -23.26 -32.54
CA SER B 186 -4.83 -22.87 -33.39
C SER B 186 -3.70 -23.89 -33.47
N GLY B 187 -3.67 -24.82 -32.51
CA GLY B 187 -2.60 -25.81 -32.46
C GLY B 187 -1.34 -25.20 -31.86
N ILE B 188 -1.44 -23.93 -31.46
CA ILE B 188 -0.30 -23.24 -30.88
C ILE B 188 -0.02 -23.66 -29.45
N THR B 189 1.23 -24.03 -29.20
CA THR B 189 1.69 -24.45 -27.88
C THR B 189 2.60 -23.39 -27.29
N ILE B 190 2.34 -23.04 -26.04
CA ILE B 190 3.16 -22.04 -25.35
C ILE B 190 3.74 -22.69 -24.10
N GLU B 191 4.95 -23.22 -24.23
CA GLU B 191 5.64 -23.92 -23.14
C GLU B 191 5.58 -23.19 -21.80
N GLY B 192 5.15 -23.91 -20.77
CA GLY B 192 5.03 -23.30 -19.45
C GLY B 192 3.61 -22.76 -19.23
N VAL B 193 2.91 -22.37 -20.29
CA VAL B 193 1.56 -21.81 -20.18
C VAL B 193 0.52 -22.92 -20.36
N ASN B 194 0.50 -23.53 -21.55
CA ASN B 194 -0.40 -24.64 -21.77
C ASN B 194 0.39 -25.95 -21.86
N THR B 195 1.54 -25.99 -21.19
CA THR B 195 2.40 -27.18 -21.11
C THR B 195 3.10 -27.04 -19.75
N PRO B 196 3.41 -28.17 -19.06
CA PRO B 196 4.06 -28.12 -17.73
C PRO B 196 5.54 -27.75 -17.68
N TYR B 197 5.94 -27.12 -16.58
CA TYR B 197 7.33 -26.72 -16.38
C TYR B 197 7.76 -27.29 -15.04
N LEU B 198 9.02 -27.68 -14.96
CA LEU B 198 9.55 -28.21 -13.72
C LEU B 198 10.60 -27.27 -13.18
N TYR B 199 10.66 -27.14 -11.85
CA TYR B 199 11.63 -26.27 -11.21
C TYR B 199 12.44 -26.93 -10.11
N PHE B 200 13.72 -27.13 -10.37
CA PHE B 200 14.58 -27.74 -9.38
C PHE B 200 15.31 -26.61 -8.71
N GLY B 201 14.99 -26.36 -7.45
CA GLY B 201 15.62 -25.27 -6.74
C GLY B 201 16.55 -25.69 -5.62
N MET B 202 17.24 -24.68 -5.08
CA MET B 202 18.16 -24.85 -3.98
C MET B 202 18.01 -23.61 -3.13
N TRP B 203 18.60 -23.65 -1.94
CA TRP B 203 18.50 -22.52 -1.03
C TRP B 203 18.79 -21.18 -1.68
N LYS B 204 17.94 -20.20 -1.39
CA LYS B 204 18.11 -18.83 -1.85
C LYS B 204 17.78 -18.55 -3.29
N THR B 205 17.30 -19.57 -3.99
CA THR B 205 16.87 -19.36 -5.37
C THR B 205 15.52 -18.68 -5.26
N SER B 206 15.20 -17.82 -6.22
CA SER B 206 13.92 -17.14 -6.09
C SER B 206 13.18 -16.72 -7.36
N PHE B 207 11.88 -16.44 -7.21
CA PHE B 207 11.12 -15.94 -8.33
C PHE B 207 10.66 -14.52 -7.97
N ALA B 208 10.93 -13.56 -8.86
CA ALA B 208 10.58 -12.14 -8.71
C ALA B 208 9.08 -11.90 -8.76
N TRP B 209 8.68 -10.69 -8.36
CA TRP B 209 7.29 -10.32 -8.38
C TRP B 209 6.74 -10.31 -9.81
N HIS B 210 5.52 -10.82 -9.95
CA HIS B 210 4.86 -10.88 -11.23
C HIS B 210 3.46 -11.48 -11.13
N THR B 211 2.71 -11.32 -12.21
CA THR B 211 1.39 -11.95 -12.33
C THR B 211 1.64 -12.92 -13.48
N GLU B 212 0.71 -13.83 -13.77
CA GLU B 212 0.94 -14.78 -14.88
C GLU B 212 0.79 -14.08 -16.23
N ASP B 213 1.33 -14.70 -17.28
CA ASP B 213 1.20 -14.15 -18.61
C ASP B 213 -0.30 -14.06 -18.91
N MET B 214 -0.70 -12.97 -19.55
CA MET B 214 -2.11 -12.75 -19.88
C MET B 214 -2.95 -12.77 -18.61
N ASP B 215 -2.29 -12.58 -17.47
CA ASP B 215 -2.96 -12.60 -16.18
C ASP B 215 -3.79 -13.85 -15.93
N LEU B 216 -3.28 -14.98 -16.37
CA LEU B 216 -3.99 -16.25 -16.17
C LEU B 216 -3.82 -16.75 -14.73
N TYR B 217 -4.43 -17.89 -14.43
CA TYR B 217 -4.26 -18.53 -13.13
C TYR B 217 -2.97 -19.34 -13.26
N SER B 218 -2.49 -19.84 -12.11
CA SER B 218 -1.36 -20.72 -12.14
C SER B 218 -1.54 -21.82 -11.07
N ILE B 219 -1.01 -23.01 -11.33
CA ILE B 219 -1.07 -24.10 -10.37
C ILE B 219 0.35 -24.62 -10.11
N ASN B 220 0.76 -24.68 -8.85
CA ASN B 220 2.11 -25.14 -8.49
C ASN B 220 2.05 -26.29 -7.48
N TYR B 221 2.68 -27.40 -7.82
CA TYR B 221 2.71 -28.56 -6.96
C TYR B 221 4.15 -28.79 -6.57
N LEU B 222 4.41 -28.90 -5.27
CA LEU B 222 5.76 -29.14 -4.80
C LEU B 222 5.94 -30.65 -4.62
N HIS B 223 6.45 -31.31 -5.65
CA HIS B 223 6.67 -32.77 -5.62
C HIS B 223 7.46 -33.24 -4.40
N PHE B 224 8.64 -32.65 -4.16
CA PHE B 224 9.45 -33.05 -3.00
C PHE B 224 10.53 -32.02 -2.65
N GLY B 225 11.13 -32.19 -1.46
CA GLY B 225 12.20 -31.32 -1.03
C GLY B 225 11.84 -30.31 0.03
N GLU B 226 12.74 -29.36 0.24
CA GLU B 226 12.52 -28.31 1.22
C GLU B 226 11.39 -27.39 0.79
N PRO B 227 10.85 -26.60 1.74
CA PRO B 227 9.76 -25.67 1.45
C PRO B 227 10.03 -24.59 0.40
N LYS B 228 8.95 -23.93 -0.01
CA LYS B 228 9.00 -22.84 -0.96
C LYS B 228 8.08 -21.76 -0.40
N SER B 229 8.65 -20.63 0.01
CA SER B 229 7.84 -19.55 0.58
C SER B 229 7.34 -18.54 -0.45
N TRP B 230 6.12 -18.07 -0.22
CA TRP B 230 5.49 -17.16 -1.15
C TRP B 230 5.08 -15.87 -0.49
N TYR B 231 5.01 -14.83 -1.31
CA TYR B 231 4.53 -13.53 -0.88
C TYR B 231 3.46 -13.23 -1.92
N SER B 232 2.34 -12.64 -1.51
CA SER B 232 1.27 -12.32 -2.45
C SER B 232 0.56 -11.01 -2.15
N VAL B 233 0.15 -10.32 -3.21
CA VAL B 233 -0.57 -9.07 -3.06
C VAL B 233 -1.96 -9.24 -3.63
N PRO B 234 -3.00 -8.87 -2.87
CA PRO B 234 -4.38 -9.00 -3.34
C PRO B 234 -4.58 -8.27 -4.67
N PRO B 235 -5.22 -8.92 -5.66
CA PRO B 235 -5.49 -8.33 -6.97
C PRO B 235 -6.12 -6.94 -6.86
N GLU B 236 -7.00 -6.76 -5.89
CA GLU B 236 -7.66 -5.48 -5.70
C GLU B 236 -6.69 -4.39 -5.28
N HIS B 237 -5.42 -4.75 -5.10
CA HIS B 237 -4.37 -3.80 -4.72
C HIS B 237 -3.16 -3.97 -5.63
N GLY B 238 -3.37 -4.66 -6.76
CA GLY B 238 -2.28 -4.88 -7.68
C GLY B 238 -1.72 -3.60 -8.29
N LYS B 239 -2.59 -2.64 -8.57
CA LYS B 239 -2.17 -1.38 -9.18
C LYS B 239 -1.25 -0.58 -8.24
N ARG B 240 -1.48 -0.72 -6.93
CA ARG B 240 -0.66 0.00 -5.97
C ARG B 240 0.78 -0.51 -6.06
N LEU B 241 0.93 -1.83 -6.08
CA LEU B 241 2.26 -2.44 -6.19
C LEU B 241 2.93 -1.99 -7.50
N GLU B 242 2.16 -1.89 -8.58
CA GLU B 242 2.74 -1.44 -9.84
C GLU B 242 3.23 0.01 -9.73
N ARG B 243 2.37 0.89 -9.23
CA ARG B 243 2.76 2.29 -9.09
C ARG B 243 4.04 2.38 -8.25
N LEU B 244 4.07 1.68 -7.14
CA LEU B 244 5.26 1.69 -6.28
C LEU B 244 6.51 1.25 -7.07
N ALA B 245 6.42 0.08 -7.67
CA ALA B 245 7.50 -0.49 -8.46
C ALA B 245 7.95 0.50 -9.54
N LYS B 246 7.00 1.24 -10.12
CA LYS B 246 7.34 2.23 -11.15
C LYS B 246 8.24 3.30 -10.55
N GLY B 247 7.93 3.73 -9.34
CA GLY B 247 8.73 4.75 -8.69
C GLY B 247 10.10 4.29 -8.23
N PHE B 248 10.23 3.00 -7.92
CA PHE B 248 11.52 2.47 -7.49
C PHE B 248 12.42 2.17 -8.68
N PHE B 249 11.83 1.80 -9.80
CA PHE B 249 12.61 1.49 -10.99
C PHE B 249 12.07 2.35 -12.13
N PRO B 250 12.30 3.68 -12.06
CA PRO B 250 11.86 4.68 -13.04
C PRO B 250 12.34 4.38 -14.46
N GLY B 251 13.59 3.96 -14.57
CA GLY B 251 14.14 3.65 -15.87
C GLY B 251 13.47 2.46 -16.53
N SER B 252 13.23 1.42 -15.74
CA SER B 252 12.61 0.21 -16.26
C SER B 252 11.19 0.50 -16.75
N ALA B 253 10.48 1.32 -15.98
CA ALA B 253 9.10 1.66 -16.32
C ALA B 253 8.95 2.39 -17.65
N GLN B 254 9.79 3.39 -17.88
CA GLN B 254 9.72 4.16 -19.13
C GLN B 254 10.01 3.30 -20.37
N SER B 255 10.92 2.34 -20.25
CA SER B 255 11.26 1.49 -21.38
C SER B 255 10.13 0.47 -21.64
N CYS B 256 9.51 0.02 -20.57
CA CYS B 256 8.43 -0.95 -20.64
C CYS B 256 7.49 -0.80 -19.44
N GLU B 257 6.29 -0.27 -19.68
CA GLU B 257 5.35 -0.06 -18.59
C GLU B 257 5.06 -1.35 -17.80
N ALA B 258 5.22 -2.49 -18.47
CA ALA B 258 4.98 -3.77 -17.84
C ALA B 258 6.32 -4.47 -17.56
N PHE B 259 7.31 -3.68 -17.15
CA PHE B 259 8.63 -4.24 -16.87
C PHE B 259 8.63 -5.38 -15.84
N LEU B 260 7.62 -5.44 -14.96
CA LEU B 260 7.56 -6.51 -13.97
C LEU B 260 7.45 -7.88 -14.63
N ARG B 261 6.93 -7.90 -15.85
CA ARG B 261 6.80 -9.19 -16.55
C ARG B 261 8.15 -9.79 -16.93
N HIS B 262 9.21 -8.98 -16.81
CA HIS B 262 10.57 -9.45 -17.09
C HIS B 262 10.99 -10.43 -16.03
N LYS B 263 10.29 -10.40 -14.90
CA LYS B 263 10.59 -11.28 -13.79
C LYS B 263 12.00 -11.09 -13.28
N MET B 264 12.42 -9.83 -13.14
CA MET B 264 13.74 -9.49 -12.63
C MET B 264 13.65 -8.62 -11.37
N THR B 265 12.44 -8.26 -10.97
CA THR B 265 12.25 -7.35 -9.82
C THR B 265 11.89 -7.99 -8.51
N LEU B 266 12.77 -7.85 -7.53
CA LEU B 266 12.56 -8.39 -6.19
C LEU B 266 12.28 -7.24 -5.21
N ILE B 267 11.32 -7.41 -4.31
CA ILE B 267 10.98 -6.36 -3.33
C ILE B 267 10.68 -7.02 -2.00
N SER B 268 11.48 -6.69 -0.99
CA SER B 268 11.29 -7.31 0.33
C SER B 268 9.96 -6.92 0.97
N PRO B 269 9.47 -7.77 1.88
CA PRO B 269 8.21 -7.50 2.57
C PRO B 269 8.24 -6.22 3.40
N LEU B 270 9.39 -5.90 3.98
CA LEU B 270 9.51 -4.69 4.78
C LEU B 270 9.26 -3.46 3.91
N MET B 271 9.79 -3.46 2.70
CA MET B 271 9.59 -2.34 1.80
C MET B 271 8.11 -2.19 1.49
N LEU B 272 7.43 -3.31 1.29
CA LEU B 272 6.00 -3.26 1.01
C LEU B 272 5.28 -2.66 2.21
N LYS B 273 5.60 -3.16 3.41
CA LYS B 273 4.98 -2.64 4.65
C LYS B 273 5.26 -1.15 4.77
N LYS B 274 6.50 -0.76 4.48
CA LYS B 274 6.92 0.64 4.55
C LYS B 274 6.08 1.56 3.66
N TYR B 275 5.60 1.02 2.55
CA TYR B 275 4.79 1.81 1.64
C TYR B 275 3.33 1.38 1.58
N GLY B 276 2.87 0.76 2.65
CA GLY B 276 1.49 0.34 2.74
C GLY B 276 0.90 -0.56 1.68
N ILE B 277 1.71 -1.35 0.98
CA ILE B 277 1.18 -2.24 -0.03
C ILE B 277 0.70 -3.52 0.65
N PRO B 278 -0.62 -3.71 0.75
CA PRO B 278 -1.19 -4.91 1.38
C PRO B 278 -0.62 -6.19 0.78
N PHE B 279 -0.32 -7.15 1.65
CA PHE B 279 0.23 -8.42 1.18
C PHE B 279 0.15 -9.51 2.25
N ASP B 280 0.34 -10.75 1.81
CA ASP B 280 0.33 -11.85 2.75
C ASP B 280 1.49 -12.78 2.42
N LYS B 281 1.74 -13.74 3.30
CA LYS B 281 2.82 -14.69 3.05
C LYS B 281 2.41 -16.10 3.44
N VAL B 282 2.91 -17.09 2.71
CA VAL B 282 2.59 -18.47 2.99
C VAL B 282 3.76 -19.36 2.57
N THR B 283 3.94 -20.45 3.30
CA THR B 283 5.02 -21.40 3.02
C THR B 283 4.43 -22.70 2.54
N GLN B 284 4.84 -23.11 1.34
CA GLN B 284 4.34 -24.34 0.73
C GLN B 284 5.26 -25.54 1.01
N GLU B 285 4.68 -26.62 1.50
CA GLU B 285 5.45 -27.80 1.83
C GLU B 285 5.35 -28.84 0.73
N ALA B 286 6.22 -29.84 0.77
CA ALA B 286 6.18 -30.91 -0.22
C ALA B 286 4.79 -31.59 -0.19
N GLY B 287 4.25 -31.85 -1.36
CA GLY B 287 2.94 -32.47 -1.44
C GLY B 287 1.80 -31.48 -1.33
N GLU B 288 2.09 -30.19 -1.45
CA GLU B 288 1.03 -29.18 -1.37
C GLU B 288 0.85 -28.41 -2.69
N PHE B 289 -0.37 -27.94 -2.94
CA PHE B 289 -0.69 -27.18 -4.15
C PHE B 289 -0.84 -25.69 -3.82
N MET B 290 -0.43 -24.85 -4.76
CA MET B 290 -0.59 -23.39 -4.61
C MET B 290 -1.29 -22.92 -5.89
N ILE B 291 -2.33 -22.12 -5.72
CA ILE B 291 -3.09 -21.59 -6.86
C ILE B 291 -2.98 -20.07 -6.86
N THR B 292 -2.55 -19.48 -7.97
CA THR B 292 -2.45 -18.02 -8.06
C THR B 292 -3.62 -17.62 -8.93
N PHE B 293 -4.22 -16.49 -8.63
CA PHE B 293 -5.38 -16.07 -9.38
C PHE B 293 -5.05 -14.94 -10.33
N PRO B 294 -5.96 -14.66 -11.30
CA PRO B 294 -5.74 -13.58 -12.26
C PRO B 294 -5.35 -12.28 -11.63
N TYR B 295 -4.25 -11.72 -12.11
CA TYR B 295 -3.74 -10.44 -11.65
C TYR B 295 -3.29 -10.47 -10.21
N GLY B 296 -2.94 -11.67 -9.75
CA GLY B 296 -2.43 -11.80 -8.41
C GLY B 296 -0.91 -11.73 -8.44
N TYR B 297 -0.35 -10.66 -7.90
CA TYR B 297 1.11 -10.55 -7.84
C TYR B 297 1.70 -11.47 -6.75
N HIS B 298 2.75 -12.19 -7.10
CA HIS B 298 3.42 -13.05 -6.13
C HIS B 298 4.91 -13.16 -6.45
N ALA B 299 5.68 -13.56 -5.43
CA ALA B 299 7.13 -13.73 -5.52
C ALA B 299 7.52 -14.65 -4.37
N GLY B 300 8.76 -15.13 -4.38
CA GLY B 300 9.21 -16.01 -3.32
C GLY B 300 10.60 -16.61 -3.45
N PHE B 301 10.89 -17.59 -2.61
CA PHE B 301 12.20 -18.22 -2.64
C PHE B 301 12.09 -19.63 -2.10
N ASN B 302 13.02 -20.50 -2.51
CA ASN B 302 13.05 -21.88 -2.04
C ASN B 302 13.95 -21.99 -0.81
N HIS B 303 13.56 -22.85 0.12
CA HIS B 303 14.32 -23.07 1.35
C HIS B 303 15.55 -23.93 1.10
N GLY B 304 15.42 -24.88 0.18
CA GLY B 304 16.54 -25.76 -0.15
C GLY B 304 16.20 -26.58 -1.37
N PHE B 305 16.92 -27.69 -1.56
CA PHE B 305 16.67 -28.54 -2.73
C PHE B 305 15.23 -29.03 -2.74
N ASN B 306 14.51 -28.68 -3.79
CA ASN B 306 13.12 -29.10 -3.93
C ASN B 306 12.79 -29.18 -5.41
N CYS B 307 11.60 -29.68 -5.71
CA CYS B 307 11.15 -29.83 -7.09
C CYS B 307 9.68 -29.46 -7.19
N ALA B 308 9.36 -28.58 -8.13
CA ALA B 308 7.99 -28.13 -8.30
C ALA B 308 7.61 -28.21 -9.75
N GLU B 309 6.31 -28.36 -10.01
CA GLU B 309 5.79 -28.43 -11.36
C GLU B 309 4.71 -27.37 -11.46
N SER B 310 4.68 -26.63 -12.57
CA SER B 310 3.72 -25.55 -12.75
C SER B 310 3.29 -25.31 -14.20
N THR B 311 2.11 -24.70 -14.35
CA THR B 311 1.56 -24.36 -15.64
C THR B 311 0.40 -23.41 -15.40
N ASN B 312 -0.10 -22.80 -16.46
CA ASN B 312 -1.24 -21.88 -16.34
C ASN B 312 -2.56 -22.55 -16.73
N PHE B 313 -3.67 -21.91 -16.36
CA PHE B 313 -4.99 -22.41 -16.71
C PHE B 313 -5.96 -21.25 -16.61
N ALA B 314 -7.20 -21.47 -16.99
CA ALA B 314 -8.17 -20.39 -16.97
C ALA B 314 -9.59 -20.82 -16.61
N THR B 315 -10.43 -19.82 -16.35
CA THR B 315 -11.85 -19.97 -16.03
C THR B 315 -12.51 -18.81 -16.79
N ARG B 316 -13.83 -18.88 -16.96
CA ARG B 316 -14.56 -17.84 -17.66
C ARG B 316 -14.30 -16.47 -17.06
N ARG B 317 -14.01 -16.43 -15.76
CA ARG B 317 -13.73 -15.18 -15.06
C ARG B 317 -12.42 -14.54 -15.56
N TRP B 318 -11.48 -15.37 -16.00
CA TRP B 318 -10.20 -14.88 -16.49
C TRP B 318 -10.31 -14.09 -17.79
N ILE B 319 -11.19 -14.55 -18.68
CA ILE B 319 -11.38 -13.92 -19.98
C ILE B 319 -11.29 -12.39 -19.99
N GLU B 320 -11.99 -11.75 -19.07
CA GLU B 320 -11.95 -10.30 -19.00
C GLU B 320 -10.54 -9.84 -18.65
N TYR B 321 -9.89 -10.53 -17.73
CA TYR B 321 -8.53 -10.15 -17.35
C TYR B 321 -7.63 -10.25 -18.58
N GLY B 322 -7.75 -11.38 -19.28
CA GLY B 322 -6.97 -11.63 -20.47
C GLY B 322 -7.12 -10.52 -21.50
N LYS B 323 -8.33 -9.97 -21.59
CA LYS B 323 -8.63 -8.90 -22.53
C LYS B 323 -7.97 -7.59 -22.16
N GLN B 324 -7.87 -7.33 -20.86
CA GLN B 324 -7.30 -6.08 -20.39
C GLN B 324 -5.84 -6.18 -19.97
N ALA B 325 -5.28 -7.38 -19.98
CA ALA B 325 -3.90 -7.57 -19.55
C ALA B 325 -2.91 -6.61 -20.20
N VAL B 326 -2.16 -5.89 -19.38
CA VAL B 326 -1.15 -4.96 -19.87
C VAL B 326 0.07 -5.78 -20.24
N LEU B 327 0.36 -5.87 -21.53
CA LEU B 327 1.47 -6.70 -22.01
C LEU B 327 2.81 -6.02 -22.20
N CYS B 328 3.87 -6.82 -22.06
CA CYS B 328 5.23 -6.33 -22.25
C CYS B 328 5.41 -5.96 -23.72
N SER B 329 5.92 -4.76 -23.96
CA SER B 329 6.14 -4.26 -25.33
C SER B 329 7.59 -4.06 -25.76
N CYS B 330 8.55 -4.65 -25.07
CA CYS B 330 9.95 -4.44 -25.45
C CYS B 330 10.77 -5.68 -25.76
N ARG B 331 10.34 -6.84 -25.27
CA ARG B 331 11.12 -8.06 -25.51
C ARG B 331 10.65 -8.91 -26.66
N LYS B 332 11.42 -9.96 -26.93
CA LYS B 332 11.12 -10.91 -28.00
C LYS B 332 10.46 -12.14 -27.39
N ASP B 333 9.46 -12.66 -28.08
CA ASP B 333 8.77 -13.87 -27.66
C ASP B 333 8.18 -13.86 -26.24
N MET B 334 7.53 -12.75 -25.88
CA MET B 334 6.85 -12.65 -24.61
C MET B 334 5.49 -13.31 -24.88
N VAL B 335 4.94 -14.00 -23.89
CA VAL B 335 3.65 -14.66 -24.10
C VAL B 335 2.49 -13.72 -24.44
N LYS B 336 1.82 -14.02 -25.55
CA LYS B 336 0.68 -13.23 -26.00
C LYS B 336 -0.37 -14.17 -26.55
N ILE B 337 -1.57 -14.13 -25.99
CA ILE B 337 -2.64 -14.99 -26.44
C ILE B 337 -3.79 -14.19 -27.05
N SER B 338 -4.17 -14.56 -28.27
CA SER B 338 -5.28 -13.90 -28.93
C SER B 338 -6.57 -14.25 -28.19
N MET B 339 -7.28 -13.23 -27.72
CA MET B 339 -8.52 -13.39 -26.96
C MET B 339 -9.75 -13.57 -27.86
N ASP B 340 -9.57 -13.33 -29.14
CA ASP B 340 -10.65 -13.43 -30.11
C ASP B 340 -11.54 -14.64 -29.92
N VAL B 341 -10.95 -15.82 -29.84
CA VAL B 341 -11.74 -17.04 -29.68
C VAL B 341 -12.56 -17.09 -28.39
N PHE B 342 -12.00 -16.55 -27.31
CA PHE B 342 -12.69 -16.58 -26.03
C PHE B 342 -13.85 -15.61 -25.99
N VAL B 343 -13.69 -14.47 -26.67
CA VAL B 343 -14.71 -13.44 -26.70
C VAL B 343 -15.86 -13.89 -27.57
N ARG B 344 -15.54 -14.60 -28.65
CA ARG B 344 -16.56 -15.11 -29.57
C ARG B 344 -17.36 -16.23 -28.93
N LYS B 345 -16.67 -17.11 -28.20
CA LYS B 345 -17.34 -18.23 -27.56
C LYS B 345 -18.07 -17.91 -26.27
N PHE B 346 -17.51 -17.05 -25.42
CA PHE B 346 -18.13 -16.72 -24.15
C PHE B 346 -18.69 -15.31 -24.02
N GLN B 347 -18.41 -14.44 -24.98
CA GLN B 347 -18.92 -13.08 -24.92
C GLN B 347 -19.40 -12.62 -26.28
N PRO B 348 -20.30 -13.40 -26.92
CA PRO B 348 -20.84 -13.08 -28.26
C PRO B 348 -21.55 -11.73 -28.38
N GLU B 349 -22.23 -11.33 -27.32
CA GLU B 349 -22.95 -10.05 -27.38
C GLU B 349 -22.02 -8.87 -27.20
N ARG B 350 -20.73 -9.16 -27.06
CA ARG B 350 -19.75 -8.10 -26.86
C ARG B 350 -18.65 -8.15 -27.90
N TYR B 351 -18.66 -9.18 -28.74
CA TYR B 351 -17.65 -9.33 -29.77
C TYR B 351 -17.55 -8.10 -30.67
N LYS B 352 -18.67 -7.64 -31.20
CA LYS B 352 -18.68 -6.47 -32.09
C LYS B 352 -18.08 -5.27 -31.40
N LEU B 353 -18.64 -4.93 -30.24
CA LEU B 353 -18.18 -3.78 -29.45
C LEU B 353 -16.69 -3.92 -29.14
N TRP B 354 -16.29 -5.10 -28.65
CA TRP B 354 -14.91 -5.35 -28.29
C TRP B 354 -13.95 -5.13 -29.46
N LYS B 355 -14.34 -5.59 -30.65
CA LYS B 355 -13.50 -5.41 -31.84
C LYS B 355 -13.46 -3.95 -32.26
N ALA B 356 -14.50 -3.20 -31.92
CA ALA B 356 -14.58 -1.79 -32.27
C ALA B 356 -13.87 -0.97 -31.19
N GLY B 357 -13.20 -1.66 -30.27
CA GLY B 357 -12.48 -0.99 -29.19
C GLY B 357 -13.37 -0.16 -28.27
N LYS B 358 -14.62 -0.55 -28.11
CA LYS B 358 -15.55 0.18 -27.26
C LYS B 358 -15.98 -0.61 -26.02
N ASP B 359 -15.48 -1.84 -25.89
CA ASP B 359 -15.82 -2.67 -24.74
C ASP B 359 -15.04 -2.13 -23.54
N ASN B 360 -15.64 -1.20 -22.81
CA ASN B 360 -14.98 -0.60 -21.65
C ASN B 360 -15.40 -1.20 -20.32
N THR B 361 -15.65 -2.50 -20.32
CA THR B 361 -16.06 -3.17 -19.09
C THR B 361 -14.97 -3.03 -18.02
N VAL B 362 -15.40 -2.96 -16.76
CA VAL B 362 -14.46 -2.83 -15.65
C VAL B 362 -14.48 -4.10 -14.84
N ILE B 363 -13.31 -4.61 -14.48
CA ILE B 363 -13.21 -5.84 -13.71
C ILE B 363 -13.48 -5.65 -12.22
N ASP B 364 -14.22 -6.59 -11.63
CA ASP B 364 -14.53 -6.57 -10.21
C ASP B 364 -13.72 -7.71 -9.56
N HIS B 365 -12.54 -7.36 -9.05
CA HIS B 365 -11.65 -8.35 -8.45
C HIS B 365 -12.25 -9.21 -7.33
N THR B 366 -13.35 -8.78 -6.74
CA THR B 366 -13.96 -9.56 -5.66
C THR B 366 -14.95 -10.62 -6.16
N LEU B 367 -15.46 -10.44 -7.37
CA LEU B 367 -16.42 -11.38 -7.94
C LEU B 367 -15.82 -12.75 -8.22
N PRO B 368 -16.52 -13.83 -7.82
CA PRO B 368 -16.04 -15.20 -8.05
C PRO B 368 -16.42 -15.62 -9.47
N THR B 369 -15.69 -16.60 -10.03
CA THR B 369 -15.97 -17.06 -11.39
C THR B 369 -17.40 -17.61 -11.48
N PRO B 370 -18.06 -17.39 -12.63
CA PRO B 370 -19.43 -17.84 -12.90
C PRO B 370 -19.71 -19.35 -12.75
N GLU B 371 -18.70 -20.19 -12.96
CA GLU B 371 -18.86 -21.64 -12.86
C GLU B 371 -19.38 -22.15 -11.50
N ALA B 372 -19.35 -21.31 -10.48
CA ALA B 372 -19.82 -21.73 -9.16
C ALA B 372 -21.19 -21.18 -8.82
N ALA B 373 -22.16 -21.40 -9.70
CA ALA B 373 -23.52 -20.94 -9.46
C ALA B 373 -24.21 -21.90 -8.49
N GLU B 374 -23.60 -23.06 -8.27
CA GLU B 374 -24.15 -24.06 -7.38
C GLU B 374 -23.45 -23.99 -6.02
N PHE B 375 -22.31 -23.30 -5.98
CA PHE B 375 -21.54 -23.12 -4.76
C PHE B 375 -21.91 -21.77 -4.13
N LEU B 376 -22.30 -20.83 -4.98
CA LEU B 376 -22.71 -19.50 -4.54
C LEU B 376 -24.20 -19.54 -4.20
N LYS B 377 -24.75 -20.76 -4.21
CA LYS B 377 -26.16 -20.99 -3.90
C LYS B 377 -26.30 -21.79 -2.62
N PRO C 1 -0.61 41.11 21.91
CA PRO C 1 0.58 40.38 22.39
C PRO C 1 1.28 39.54 21.31
N ALA C 2 2.58 39.30 21.51
CA ALA C 2 3.43 38.56 20.57
C ALA C 2 3.07 37.09 20.29
N THR C 3 2.60 36.40 21.32
CA THR C 3 2.23 34.98 21.20
C THR C 3 0.78 34.76 21.61
N GLY C 4 0.09 33.86 20.90
CA GLY C 4 -1.29 33.61 21.27
C GLY C 4 -2.28 33.20 20.20
N GLY C 5 -3.57 33.35 20.52
CA GLY C 5 -4.62 32.97 19.60
C GLY C 5 -4.99 31.52 19.78
N VAL C 6 -5.72 30.97 18.82
CA VAL C 6 -6.14 29.57 18.90
C VAL C 6 -6.41 28.98 17.53
N M3L C 7 -6.07 27.70 17.39
CA M3L C 7 -6.22 26.94 16.15
CB M3L C 7 -5.77 25.50 16.42
CG M3L C 7 -6.00 24.51 15.27
CD M3L C 7 -5.47 23.17 15.71
CE M3L C 7 -5.78 22.08 14.72
NZ M3L C 7 -5.13 20.80 15.14
C M3L C 7 -7.62 26.94 15.55
O M3L C 7 -7.78 27.02 14.34
CM1 M3L C 7 -3.64 20.95 15.15
CM2 M3L C 7 -5.53 19.79 14.11
CM3 M3L C 7 -5.60 20.35 16.50
N LYS C 8 -8.63 26.85 16.42
CA LYS C 8 -10.01 26.84 15.95
C LYS C 8 -10.26 28.04 15.03
N PRO C 9 -10.49 27.78 13.73
CA PRO C 9 -10.74 28.86 12.78
C PRO C 9 -12.07 29.59 13.01
N HIS C 10 -12.13 30.84 12.57
CA HIS C 10 -13.33 31.65 12.68
C HIS C 10 -14.52 30.94 12.01
N ARG C 11 -15.62 30.85 12.74
CA ARG C 11 -16.82 30.22 12.20
C ARG C 11 -17.97 31.16 11.87
N TYR C 12 -18.67 30.89 10.77
CA TYR C 12 -19.81 31.67 10.31
C TYR C 12 -21.08 31.23 11.05
N PRO D 1 3.33 -12.18 -33.87
CA PRO D 1 2.77 -13.37 -33.21
C PRO D 1 1.57 -13.08 -32.32
N ALA D 2 0.38 -13.14 -32.92
CA ALA D 2 -0.89 -12.92 -32.21
C ALA D 2 -0.97 -13.83 -30.97
N THR D 3 -0.61 -15.10 -31.17
CA THR D 3 -0.61 -16.08 -30.08
C THR D 3 0.72 -16.83 -30.07
N GLY D 4 1.50 -16.67 -29.00
CA GLY D 4 2.77 -17.37 -28.92
C GLY D 4 3.69 -16.90 -27.80
N GLY D 5 4.96 -17.28 -27.92
CA GLY D 5 5.95 -16.92 -26.92
C GLY D 5 6.27 -18.11 -26.03
N VAL D 6 7.04 -17.85 -24.98
CA VAL D 6 7.45 -18.89 -24.03
C VAL D 6 7.50 -18.27 -22.64
N M3L D 7 7.09 -19.03 -21.62
CA M3L D 7 7.10 -18.51 -20.26
CB M3L D 7 6.43 -19.50 -19.29
CG M3L D 7 6.29 -18.92 -17.88
CD M3L D 7 6.16 -19.96 -16.76
CE M3L D 7 4.74 -20.12 -16.26
NZ M3L D 7 4.64 -21.07 -15.07
C M3L D 7 8.54 -18.23 -19.81
O M3L D 7 8.82 -17.22 -19.15
CM1 M3L D 7 3.17 -21.13 -14.67
CM2 M3L D 7 5.40 -20.57 -13.84
CM3 M3L D 7 5.11 -22.47 -15.37
N LYS D 8 9.45 -19.12 -20.19
CA LYS D 8 10.86 -18.99 -19.83
C LYS D 8 11.40 -17.61 -20.22
N PRO D 9 11.75 -16.79 -19.20
CA PRO D 9 12.28 -15.45 -19.50
C PRO D 9 13.61 -15.54 -20.24
N HIS D 10 14.04 -14.40 -20.79
CA HIS D 10 15.31 -14.33 -21.52
C HIS D 10 16.45 -14.62 -20.55
N ARG D 11 17.43 -15.41 -20.97
CA ARG D 11 18.57 -15.73 -20.14
C ARG D 11 19.80 -14.89 -20.52
N TYR D 12 20.51 -14.41 -19.50
CA TYR D 12 21.70 -13.61 -19.68
C TYR D 12 22.97 -14.48 -19.76
NI NI E . -3.52 19.78 9.80
ZN ZN F . -5.83 35.95 6.45
C1 GOL G . -18.83 4.21 20.51
O1 GOL G . -18.65 5.64 20.55
C2 GOL G . -17.75 3.60 19.62
O2 GOL G . -16.46 3.90 20.17
C3 GOL G . -17.94 2.08 19.56
O3 GOL G . -16.93 1.51 18.72
C1 S2G H . -4.07 17.39 11.43
C3 S2G H . -6.53 17.05 11.12
C4 S2G H . -7.84 17.72 10.73
C5 S2G H . -9.02 16.74 10.80
O2 S2G H . -3.03 17.72 10.82
O1 S2G H . -4.14 16.58 12.39
O3 S2G H . -5.32 18.55 9.68
O5 S2G H . -10.16 17.23 10.69
C2 S2G H . -5.39 18.06 11.02
O4 S2G H . -8.75 15.53 10.97
NI NI I . 3.73 -17.32 -11.04
ZN ZN J . 9.10 -5.49 -21.60
C1 S2G K . 4.06 -20.19 -10.16
C3 S2G K . 6.50 -20.50 -9.72
C4 S2G K . 7.91 -20.00 -10.00
C5 S2G K . 8.96 -20.90 -9.33
O2 S2G K . 3.11 -19.59 -10.71
O1 S2G K . 3.99 -21.22 -9.48
O3 S2G K . 5.49 -18.31 -9.66
O5 S2G K . 10.08 -20.96 -9.88
C2 S2G K . 5.45 -19.57 -10.34
O4 S2G K . 8.60 -21.51 -8.31
#